data_8FRO
#
_entry.id   8FRO
#
loop_
_entity.id
_entity.type
_entity.pdbx_description
1 polymer 'Lipopolysaccharide export system ATP-binding protein LptB'
2 polymer 'Lipopolysaccharide export system permease protein LptF'
3 polymer 'LPS export ABC transporter permease LptG'
4 non-polymer '(2~{R},4~{R},5~{R},6~{R})-6-[(1~{R})-1,2-bis(oxidanyl)ethyl]-2-[(2~{R},4~{R},5~{R},6~{R})-6-[(1~{R})-1,2-bis(oxidanyl)ethyl]-5-[(2~{S},3~{S},4~{R},5~{R},6~{R})-6-[(1~{S})-1,2-bis(oxidanyl)ethyl]-4-[(2~{R},3~{S},4~{R},5~{S},6~{R})-6-[(1~{S})-2-[(2~{S},3~{S},4~{S},5~{S},6~{R})-6-[(1~{S})-1,2-bis(oxidanyl)ethyl]-3,4,5-tris(oxidanyl)oxan-2-yl]oxy-1-oxidanyl-ethyl]-3,4-bis(oxidanyl)-5-phosphonooxy-oxan-2-yl]oxy-3-oxidanyl-5-phosphonooxy-oxan-2-yl]oxy-2-carboxy-2-[[(2~{R},3~{S},4~{R},5~{R},6~{R})-5-[[(3~{R})-3-dodecanoyloxytetradecanoyl]amino]-6-[[(2~{R},3~{S},4~{R},5~{R},6~{R})-3-oxidanyl-5-[[(3~{R})-3-oxidanyltetradecanoyl]amino]-4-[(3~{R})-3-oxidanyltetradecanoyl]oxy-6-phosphonooxy-oxan-2-yl]methoxy]-3-phosphonooxy-4-[(3~{R})-3-tetradecanoyloxytetradecanoyl]oxy-oxan-2-yl]methoxy]oxan-4-yl]oxy-4,5-bis(oxidanyl)oxane-2-carboxylic acid'
5 non-polymer (7S,10S,13S)-10-(4-aminobutyl)-7-(3-aminopropyl)-17,20-dichloro-13-[(1H-indol-3-yl)methyl]-12-methyl-6,7,9,10,12,13,15,16-octahydropyrido[2,3-b][1,5,8,11,14]benzothiatetraazacycloheptadecine-8,11,14(5H)-trione
#
loop_
_entity_poly.entity_id
_entity_poly.type
_entity_poly.pdbx_seq_one_letter_code
_entity_poly.pdbx_strand_id
1 'polypeptide(L)'
;MHHHHHHHMEQIAQQQPQTLCIKHLAKNYSKRWVVKDVSFEMQSGQIVGLLGPNGAGKTTSFYMVVGLVRMDKGEIHLDN
LDLSDLAMHERARKGIGYLPQEASIFRKLTIAENIMAILETRKDLNKQQRQQRLQELLNDFKITHIKDSLGMSVSGGERR
RAEIARALAADPKFMLLDEPFAGVDPISVGDIKDIIRNLKDRGIGVLITDHNVRETLAICEHAYIVSEGAVIAEGSPQDI
LENEQVRKVYLGDDFTV
;
A,B
2 'polypeptide(L)'
;MIIRRYLVKQVVSTSLVVIALLTLIMMGGRLIKYFGVAAQGRLDAGVLFSIIGYRMPEFLTLILPLGFFIGLMLVFGRLY
VDHEMAVLNGSGISRIRLGQLLIPLALVFLVIQGILMLWMTPWGLRQFDQLSSSQAVRTGFDLVRPKEFISSGPYTIYAG
DLSEDRKNLKDIFFYQRAQKEGKPDVMILAKEATRVVMENETANVVDLIQGRRYEIYPGKAKYSQAEFQRYRLRLENDKS
ATFETDKVEALPSSKLWNKWNDPVIASEMGWRVFGPFTIVIALMMAVALCEVSPRQGRYYRLIPAIFIFASLIVLLIAIR
TRISRDELGVWAYPAALAVYGIAAALFSRKQKLAPKIKKQIKRVRA
;
F
3 'polypeptide(L)'
;MLARRIVAKHVTKTTALAMLGTTIVLVILQVLFTYLGELSNLKADYSAWQAFLYVLWGAPRYLYEILPISALIGAILGLG
TLASNSELIVMRSVGISLWRIVGWVIRSALVLVLLSFALSEWVVPYTNERANSVKSHQSVAALGEVRGYWSREGQRFIYV
DYANSQGQLKRIQVVDFDDNYRLKSVTNAEQGQFVKDGQWLLNHSQQMAIQGQGDAVLANAAKQPFSLALQPKYVHMVTI
DPEDLSFSQLVSFMNYMREYSQVPKTYQLAFWKKVASPFALITLVLVACSFIFGPLRQQSMGFRLVIALFIGLGFYYLQD
FLGYASLVYNPSPAWFVLGPIVLMFVAGSYLLYRAR
;
G
#
# COMPACT_ATOMS: atom_id res chain seq x y z
N GLN A 18 1.66 -45.35 -22.56
CA GLN A 18 0.88 -44.27 -21.96
C GLN A 18 0.57 -43.20 -22.99
N THR A 19 -0.70 -42.79 -23.09
CA THR A 19 -1.11 -41.79 -24.06
C THR A 19 -2.06 -40.80 -23.39
N LEU A 20 -1.73 -39.52 -23.48
CA LEU A 20 -2.57 -38.44 -22.99
C LEU A 20 -3.35 -37.86 -24.16
N CYS A 21 -4.68 -37.95 -24.10
CA CYS A 21 -5.55 -37.51 -25.17
C CYS A 21 -6.40 -36.33 -24.69
N ILE A 22 -6.43 -35.26 -25.47
CA ILE A 22 -7.19 -34.07 -25.13
C ILE A 22 -8.17 -33.80 -26.26
N LYS A 23 -9.45 -33.65 -25.92
CA LYS A 23 -10.50 -33.57 -26.92
C LYS A 23 -11.39 -32.35 -26.68
N HIS A 24 -11.58 -31.56 -27.73
CA HIS A 24 -12.60 -30.51 -27.81
C HIS A 24 -12.52 -29.52 -26.65
N LEU A 25 -11.33 -29.04 -26.36
CA LEU A 25 -11.18 -27.97 -25.38
C LEU A 25 -11.80 -26.69 -25.92
N ALA A 26 -12.33 -25.88 -25.00
CA ALA A 26 -12.86 -24.57 -25.32
C ALA A 26 -12.83 -23.73 -24.05
N LYS A 27 -12.60 -22.43 -24.22
CA LYS A 27 -12.51 -21.50 -23.10
C LYS A 27 -12.82 -20.10 -23.60
N ASN A 28 -13.56 -19.34 -22.81
CA ASN A 28 -13.97 -18.00 -23.19
C ASN A 28 -13.67 -17.02 -22.07
N TYR A 29 -13.17 -15.83 -22.45
CA TYR A 29 -12.95 -14.73 -21.53
C TYR A 29 -13.71 -13.51 -22.01
N SER A 30 -14.38 -12.83 -21.08
CA SER A 30 -15.14 -11.61 -21.37
C SER A 30 -16.15 -11.85 -22.50
N LYS A 31 -16.82 -13.01 -22.46
CA LYS A 31 -17.83 -13.40 -23.44
C LYS A 31 -17.24 -13.52 -24.84
N ARG A 32 -15.94 -13.74 -24.95
CA ARG A 32 -15.27 -14.00 -26.22
C ARG A 32 -14.61 -15.37 -26.16
N TRP A 33 -14.90 -16.21 -27.15
CA TRP A 33 -14.39 -17.58 -27.17
C TRP A 33 -12.94 -17.55 -27.65
N VAL A 34 -12.01 -17.61 -26.71
CA VAL A 34 -10.59 -17.57 -27.05
C VAL A 34 -10.12 -18.90 -27.61
N VAL A 35 -10.63 -20.00 -27.09
CA VAL A 35 -10.26 -21.35 -27.52
C VAL A 35 -11.53 -22.10 -27.93
N LYS A 36 -11.50 -22.70 -29.11
CA LYS A 36 -12.68 -23.38 -29.66
C LYS A 36 -12.24 -24.70 -30.26
N ASP A 37 -12.67 -25.81 -29.65
CA ASP A 37 -12.48 -27.16 -30.21
C ASP A 37 -11.00 -27.44 -30.50
N VAL A 38 -10.17 -27.33 -29.47
CA VAL A 38 -8.76 -27.73 -29.56
C VAL A 38 -8.61 -29.17 -29.10
N SER A 39 -7.92 -29.98 -29.89
CA SER A 39 -7.76 -31.38 -29.56
C SER A 39 -6.42 -31.88 -30.09
N PHE A 40 -5.80 -32.80 -29.37
CA PHE A 40 -4.57 -33.44 -29.82
C PHE A 40 -4.31 -34.66 -28.92
N GLU A 41 -3.19 -35.33 -29.20
CA GLU A 41 -2.79 -36.51 -28.46
C GLU A 41 -1.28 -36.53 -28.34
N MET A 42 -0.79 -37.14 -27.26
CA MET A 42 0.63 -37.23 -27.00
C MET A 42 0.92 -38.56 -26.32
N GLN A 43 2.16 -39.02 -26.45
CA GLN A 43 2.56 -40.32 -25.91
C GLN A 43 3.87 -40.17 -25.16
N SER A 44 4.09 -41.08 -24.21
CA SER A 44 5.34 -41.10 -23.48
C SER A 44 6.50 -41.39 -24.42
N GLY A 45 7.64 -40.74 -24.15
CA GLY A 45 8.76 -40.88 -25.06
C GLY A 45 8.61 -40.14 -26.37
N GLN A 46 7.65 -39.21 -26.45
CA GLN A 46 7.39 -38.45 -27.67
C GLN A 46 7.37 -36.97 -27.32
N ILE A 47 8.02 -36.17 -28.16
CA ILE A 47 8.05 -34.72 -27.98
C ILE A 47 7.03 -34.08 -28.91
N VAL A 48 6.08 -33.36 -28.30
CA VAL A 48 5.00 -32.71 -29.03
C VAL A 48 5.07 -31.22 -28.75
N GLY A 49 5.00 -30.42 -29.82
CA GLY A 49 5.01 -28.97 -29.73
C GLY A 49 3.59 -28.43 -29.89
N LEU A 50 3.28 -27.39 -29.12
CA LEU A 50 1.98 -26.73 -29.21
C LEU A 50 2.26 -25.27 -29.56
N LEU A 51 2.19 -24.95 -30.84
CA LEU A 51 2.65 -23.68 -31.36
C LEU A 51 1.49 -22.92 -32.01
N GLY A 52 1.77 -21.70 -32.45
CA GLY A 52 0.77 -20.89 -33.09
C GLY A 52 0.99 -19.42 -32.82
N PRO A 53 0.20 -18.56 -33.47
CA PRO A 53 0.33 -17.12 -33.24
C PRO A 53 0.08 -16.78 -31.78
N ASN A 54 0.80 -15.75 -31.31
CA ASN A 54 0.66 -15.33 -29.92
C ASN A 54 -0.78 -14.95 -29.62
N GLY A 55 -1.30 -15.48 -28.51
CA GLY A 55 -2.66 -15.17 -28.10
C GLY A 55 -3.75 -15.83 -28.91
N ALA A 56 -3.40 -16.76 -29.80
CA ALA A 56 -4.39 -17.43 -30.64
C ALA A 56 -4.98 -18.67 -29.99
N GLY A 57 -4.50 -19.07 -28.81
CA GLY A 57 -5.09 -20.21 -28.13
C GLY A 57 -4.09 -21.21 -27.58
N LYS A 58 -2.85 -21.16 -28.06
CA LYS A 58 -1.85 -22.14 -27.62
C LYS A 58 -1.58 -22.03 -26.12
N THR A 59 -1.42 -20.80 -25.63
CA THR A 59 -1.12 -20.59 -24.22
C THR A 59 -2.30 -20.98 -23.34
N THR A 60 -3.51 -20.53 -23.70
CA THR A 60 -4.68 -20.89 -22.92
C THR A 60 -4.93 -22.39 -22.94
N SER A 61 -4.77 -23.02 -24.11
CA SER A 61 -4.94 -24.48 -24.19
C SER A 61 -3.91 -25.20 -23.32
N PHE A 62 -2.67 -24.71 -23.33
CA PHE A 62 -1.63 -25.32 -22.50
C PHE A 62 -2.01 -25.21 -21.03
N TYR A 63 -2.44 -24.03 -20.60
CA TYR A 63 -2.82 -23.86 -19.19
C TYR A 63 -4.06 -24.67 -18.84
N MET A 64 -4.95 -24.91 -19.81
CA MET A 64 -6.08 -25.79 -19.57
C MET A 64 -5.61 -27.21 -19.34
N VAL A 65 -4.61 -27.65 -20.10
CA VAL A 65 -4.06 -28.99 -19.89
C VAL A 65 -3.36 -29.08 -18.55
N VAL A 66 -2.56 -28.06 -18.19
CA VAL A 66 -1.83 -28.09 -16.93
C VAL A 66 -2.80 -28.07 -15.74
N GLY A 67 -3.84 -27.26 -15.82
CA GLY A 67 -4.82 -27.14 -14.75
C GLY A 67 -4.90 -25.77 -14.11
N LEU A 68 -4.08 -24.80 -14.53
CA LEU A 68 -4.12 -23.47 -13.95
C LEU A 68 -5.45 -22.76 -14.20
N VAL A 69 -6.08 -23.05 -15.33
CA VAL A 69 -7.33 -22.40 -15.73
C VAL A 69 -8.42 -23.46 -15.83
N ARG A 70 -9.55 -23.19 -15.19
CA ARG A 70 -10.67 -24.12 -15.22
C ARG A 70 -11.20 -24.27 -16.64
N MET A 71 -11.52 -25.50 -17.01
CA MET A 71 -12.00 -25.82 -18.35
C MET A 71 -13.49 -25.56 -18.46
N ASP A 72 -13.90 -24.91 -19.56
CA ASP A 72 -15.31 -24.72 -19.86
C ASP A 72 -15.92 -25.84 -20.68
N LYS A 73 -15.13 -26.58 -21.46
CA LYS A 73 -15.64 -27.68 -22.25
C LYS A 73 -14.48 -28.57 -22.69
N GLY A 74 -14.79 -29.81 -23.00
CA GLY A 74 -13.79 -30.76 -23.44
C GLY A 74 -13.52 -31.84 -22.42
N GLU A 75 -12.60 -32.72 -22.78
CA GLU A 75 -12.23 -33.83 -21.90
C GLU A 75 -10.76 -34.15 -22.07
N ILE A 76 -10.18 -34.74 -21.03
CA ILE A 76 -8.79 -35.17 -21.01
C ILE A 76 -8.75 -36.59 -20.46
N HIS A 77 -8.04 -37.48 -21.16
CA HIS A 77 -7.93 -38.87 -20.75
C HIS A 77 -6.46 -39.27 -20.71
N LEU A 78 -6.14 -40.18 -19.80
CA LEU A 78 -4.80 -40.76 -19.69
C LEU A 78 -4.97 -42.27 -19.54
N ASP A 79 -4.98 -42.98 -20.68
CA ASP A 79 -5.19 -44.42 -20.72
C ASP A 79 -6.48 -44.82 -20.00
N ASN A 80 -7.60 -44.34 -20.55
CA ASN A 80 -8.94 -44.64 -20.09
C ASN A 80 -9.20 -44.14 -18.68
N LEU A 81 -8.33 -43.28 -18.15
CA LEU A 81 -8.53 -42.63 -16.86
C LEU A 81 -8.82 -41.16 -17.11
N ASP A 82 -10.00 -40.72 -16.70
CA ASP A 82 -10.47 -39.37 -17.01
C ASP A 82 -9.85 -38.38 -16.04
N LEU A 83 -9.14 -37.38 -16.57
CA LEU A 83 -8.58 -36.29 -15.81
C LEU A 83 -9.41 -35.01 -15.92
N SER A 84 -10.62 -35.08 -16.49
CA SER A 84 -11.39 -33.87 -16.77
C SER A 84 -11.73 -33.11 -15.49
N ASP A 85 -12.26 -33.81 -14.49
CA ASP A 85 -12.72 -33.15 -13.27
C ASP A 85 -11.65 -33.04 -12.20
N LEU A 86 -10.50 -33.70 -12.36
CA LEU A 86 -9.48 -33.65 -11.33
C LEU A 86 -8.80 -32.29 -11.29
N ALA A 87 -8.43 -31.87 -10.08
CA ALA A 87 -7.72 -30.62 -9.87
C ALA A 87 -6.27 -30.76 -10.29
N MET A 88 -5.54 -29.64 -10.23
CA MET A 88 -4.16 -29.62 -10.71
C MET A 88 -3.31 -30.65 -9.97
N HIS A 89 -3.34 -30.64 -8.63
CA HIS A 89 -2.50 -31.54 -7.88
C HIS A 89 -2.88 -33.00 -8.09
N GLU A 90 -4.18 -33.29 -8.29
CA GLU A 90 -4.58 -34.66 -8.59
C GLU A 90 -4.01 -35.12 -9.93
N ARG A 91 -4.05 -34.25 -10.94
CA ARG A 91 -3.40 -34.57 -12.21
C ARG A 91 -1.91 -34.81 -12.00
N ALA A 92 -1.27 -33.96 -11.20
CA ALA A 92 0.16 -34.14 -10.94
C ALA A 92 0.43 -35.49 -10.29
N ARG A 93 -0.44 -35.88 -9.35
CA ARG A 93 -0.33 -37.19 -8.73
C ARG A 93 -0.47 -38.31 -9.75
N LYS A 94 -1.18 -38.05 -10.86
CA LYS A 94 -1.31 -39.06 -11.90
C LYS A 94 -0.10 -39.10 -12.83
N GLY A 95 0.80 -38.13 -12.74
CA GLY A 95 2.02 -38.18 -13.52
C GLY A 95 2.22 -37.04 -14.49
N ILE A 96 1.56 -35.90 -14.24
CA ILE A 96 1.64 -34.74 -15.12
C ILE A 96 2.43 -33.66 -14.39
N GLY A 97 3.74 -33.57 -14.69
CA GLY A 97 4.55 -32.49 -14.15
C GLY A 97 4.52 -31.25 -15.03
N TYR A 98 4.88 -30.12 -14.43
CA TYR A 98 4.76 -28.82 -15.10
C TYR A 98 5.96 -27.97 -14.75
N LEU A 99 6.57 -27.35 -15.77
CA LEU A 99 7.74 -26.49 -15.60
C LEU A 99 7.41 -25.08 -16.06
N PRO A 100 7.21 -24.14 -15.14
CA PRO A 100 6.84 -22.78 -15.53
C PRO A 100 7.97 -22.04 -16.23
N GLN A 101 7.57 -21.02 -16.99
CA GLN A 101 8.56 -20.15 -17.63
C GLN A 101 9.37 -19.36 -16.61
N GLU A 102 8.69 -18.71 -15.67
CA GLU A 102 9.37 -17.86 -14.71
C GLU A 102 10.08 -18.72 -13.65
N ALA A 103 10.97 -18.08 -12.91
CA ALA A 103 11.72 -18.77 -11.87
C ALA A 103 10.78 -19.36 -10.83
N SER A 104 11.02 -20.61 -10.46
CA SER A 104 10.18 -21.30 -9.49
C SER A 104 10.97 -22.03 -8.42
N ILE A 105 12.30 -21.89 -8.40
CA ILE A 105 13.10 -22.51 -7.35
C ILE A 105 12.73 -21.89 -6.00
N PHE A 106 12.59 -22.73 -4.98
CA PHE A 106 12.33 -22.24 -3.64
C PHE A 106 13.47 -21.31 -3.21
N ARG A 107 13.15 -20.02 -3.05
CA ARG A 107 14.21 -19.01 -2.95
C ARG A 107 15.11 -19.26 -1.74
N LYS A 108 14.51 -19.54 -0.59
CA LYS A 108 15.25 -19.61 0.67
C LYS A 108 15.57 -21.05 1.09
N LEU A 109 15.41 -22.01 0.18
CA LEU A 109 15.77 -23.39 0.46
C LEU A 109 16.98 -23.78 -0.38
N THR A 110 17.83 -24.63 0.19
CA THR A 110 19.00 -25.12 -0.52
C THR A 110 18.58 -26.01 -1.69
N ILE A 111 19.43 -26.07 -2.72
CA ILE A 111 19.11 -26.87 -3.91
C ILE A 111 18.94 -28.33 -3.53
N ALA A 112 19.84 -28.86 -2.70
CA ALA A 112 19.66 -30.22 -2.18
C ALA A 112 18.36 -30.32 -1.42
N GLU A 113 18.06 -29.32 -0.59
CA GLU A 113 16.77 -29.28 0.10
C GLU A 113 15.63 -29.15 -0.90
N ASN A 114 15.83 -28.38 -1.97
CA ASN A 114 14.80 -28.22 -2.99
C ASN A 114 14.40 -29.56 -3.57
N ILE A 115 15.39 -30.38 -3.95
CA ILE A 115 15.07 -31.68 -4.53
C ILE A 115 14.52 -32.63 -3.47
N MET A 116 15.11 -32.61 -2.27
CA MET A 116 14.69 -33.54 -1.22
C MET A 116 13.26 -33.28 -0.78
N ALA A 117 12.82 -32.03 -0.80
CA ALA A 117 11.45 -31.70 -0.44
C ALA A 117 10.45 -32.46 -1.31
N ILE A 118 10.70 -32.50 -2.62
CA ILE A 118 9.81 -33.24 -3.50
C ILE A 118 10.05 -34.73 -3.39
N LEU A 119 11.29 -35.16 -3.12
CA LEU A 119 11.55 -36.58 -2.94
C LEU A 119 10.78 -37.15 -1.75
N GLU A 120 10.71 -36.39 -0.66
CA GLU A 120 10.00 -36.85 0.53
C GLU A 120 8.51 -37.07 0.27
N THR A 121 7.96 -36.45 -0.77
CA THR A 121 6.56 -36.66 -1.10
C THR A 121 6.29 -38.03 -1.70
N ARG A 122 7.34 -38.72 -2.16
CA ARG A 122 7.16 -40.03 -2.78
C ARG A 122 6.86 -41.06 -1.70
N LYS A 123 5.72 -41.74 -1.82
CA LYS A 123 5.33 -42.75 -0.85
C LYS A 123 6.07 -44.07 -1.04
N ASP A 124 6.62 -44.32 -2.22
CA ASP A 124 7.24 -45.60 -2.54
C ASP A 124 8.74 -45.63 -2.27
N LEU A 125 9.28 -44.62 -1.59
CA LEU A 125 10.70 -44.56 -1.28
C LEU A 125 10.90 -44.44 0.22
N ASN A 126 12.11 -44.77 0.67
CA ASN A 126 12.51 -44.56 2.05
C ASN A 126 13.79 -43.74 2.08
N LYS A 127 14.28 -43.45 3.29
CA LYS A 127 15.36 -42.48 3.47
C LYS A 127 16.58 -42.84 2.63
N GLN A 128 16.99 -44.10 2.65
CA GLN A 128 18.21 -44.51 1.97
C GLN A 128 18.09 -44.29 0.46
N GLN A 129 17.03 -44.82 -0.15
CA GLN A 129 16.88 -44.66 -1.59
C GLN A 129 16.45 -43.25 -1.97
N ARG A 130 15.82 -42.50 -1.06
CA ARG A 130 15.63 -41.08 -1.29
C ARG A 130 16.97 -40.36 -1.45
N GLN A 131 17.91 -40.64 -0.54
CA GLN A 131 19.23 -40.04 -0.64
C GLN A 131 19.94 -40.49 -1.91
N GLN A 132 19.81 -41.78 -2.24
CA GLN A 132 20.44 -42.30 -3.45
C GLN A 132 19.88 -41.61 -4.69
N ARG A 133 18.56 -41.40 -4.75
CA ARG A 133 17.94 -40.71 -5.87
C ARG A 133 18.40 -39.26 -5.94
N LEU A 134 18.53 -38.60 -4.78
CA LEU A 134 19.04 -37.24 -4.75
C LEU A 134 20.45 -37.19 -5.33
N GLN A 135 21.30 -38.14 -4.93
CA GLN A 135 22.66 -38.18 -5.46
C GLN A 135 22.66 -38.38 -6.96
N GLU A 136 21.83 -39.30 -7.46
CA GLU A 136 21.80 -39.55 -8.90
C GLU A 136 21.31 -38.34 -9.67
N LEU A 137 20.30 -37.64 -9.15
CA LEU A 137 19.80 -36.45 -9.84
C LEU A 137 20.86 -35.34 -9.85
N LEU A 138 21.55 -35.16 -8.72
CA LEU A 138 22.59 -34.15 -8.66
C LEU A 138 23.72 -34.46 -9.64
N ASN A 139 24.13 -35.73 -9.70
CA ASN A 139 25.22 -36.08 -10.62
C ASN A 139 24.76 -35.93 -12.06
N ASP A 140 23.51 -36.34 -12.34
CA ASP A 140 22.99 -36.34 -13.71
C ASP A 140 22.92 -34.92 -14.26
N PHE A 141 22.47 -33.97 -13.43
CA PHE A 141 22.34 -32.60 -13.89
C PHE A 141 23.58 -31.74 -13.63
N LYS A 142 24.64 -32.33 -13.06
CA LYS A 142 25.93 -31.67 -12.90
C LYS A 142 25.87 -30.46 -11.97
N ILE A 143 24.79 -30.37 -11.17
CA ILE A 143 24.66 -29.28 -10.21
C ILE A 143 25.14 -29.69 -8.83
N THR A 144 25.83 -30.83 -8.73
CA THR A 144 26.27 -31.32 -7.42
C THR A 144 27.22 -30.34 -6.74
N HIS A 145 28.11 -29.71 -7.50
CA HIS A 145 29.08 -28.81 -6.90
C HIS A 145 28.45 -27.57 -6.28
N ILE A 146 27.24 -27.21 -6.70
CA ILE A 146 26.53 -26.07 -6.14
C ILE A 146 25.35 -26.53 -5.29
N LYS A 147 25.40 -27.78 -4.84
CA LYS A 147 24.28 -28.37 -4.10
C LYS A 147 23.97 -27.62 -2.80
N ASP A 148 24.99 -27.04 -2.14
CA ASP A 148 24.80 -26.42 -0.85
C ASP A 148 24.39 -24.96 -0.89
N SER A 149 24.28 -24.35 -2.06
CA SER A 149 23.94 -22.94 -2.15
C SER A 149 22.41 -22.76 -2.23
N LEU A 150 21.97 -21.59 -1.80
CA LEU A 150 20.55 -21.26 -1.84
C LEU A 150 20.10 -21.03 -3.28
N GLY A 151 18.82 -21.31 -3.53
CA GLY A 151 18.28 -21.13 -4.88
C GLY A 151 18.33 -19.70 -5.36
N MET A 152 18.14 -18.74 -4.46
CA MET A 152 18.13 -17.33 -4.84
C MET A 152 19.48 -16.82 -5.29
N SER A 153 20.55 -17.58 -5.07
CA SER A 153 21.92 -17.15 -5.37
C SER A 153 22.58 -18.11 -6.37
N VAL A 154 21.86 -18.47 -7.43
CA VAL A 154 22.36 -19.36 -8.46
C VAL A 154 22.06 -18.74 -9.82
N SER A 155 22.85 -19.12 -10.82
CA SER A 155 22.71 -18.55 -12.15
C SER A 155 21.48 -19.14 -12.85
N GLY A 156 21.14 -18.55 -14.00
CA GLY A 156 19.93 -18.95 -14.69
C GLY A 156 19.95 -20.40 -15.17
N GLY A 157 21.05 -20.80 -15.82
CA GLY A 157 21.11 -22.15 -16.35
C GLY A 157 21.11 -23.21 -15.27
N GLU A 158 21.92 -23.01 -14.23
CA GLU A 158 21.96 -23.95 -13.12
C GLU A 158 20.63 -23.98 -12.39
N ARG A 159 19.99 -22.82 -12.23
CA ARG A 159 18.67 -22.77 -11.60
C ARG A 159 17.66 -23.57 -12.41
N ARG A 160 17.68 -23.41 -13.73
CA ARG A 160 16.75 -24.16 -14.58
C ARG A 160 17.01 -25.66 -14.48
N ARG A 161 18.29 -26.06 -14.46
CA ARG A 161 18.60 -27.48 -14.32
C ARG A 161 18.14 -28.02 -12.98
N ALA A 162 18.30 -27.22 -11.91
CA ALA A 162 17.79 -27.63 -10.60
C ALA A 162 16.27 -27.76 -10.61
N GLU A 163 15.58 -26.84 -11.28
CA GLU A 163 14.13 -26.94 -11.40
C GLU A 163 13.72 -28.21 -12.13
N ILE A 164 14.43 -28.55 -13.21
CA ILE A 164 14.09 -29.75 -13.97
C ILE A 164 14.36 -31.00 -13.14
N ALA A 165 15.46 -31.01 -12.39
CA ALA A 165 15.74 -32.15 -11.50
C ALA A 165 14.67 -32.28 -10.43
N ARG A 166 14.25 -31.16 -9.86
CA ARG A 166 13.19 -31.17 -8.86
C ARG A 166 11.88 -31.70 -9.45
N ALA A 167 11.56 -31.30 -10.68
CA ALA A 167 10.37 -31.82 -11.33
C ALA A 167 10.48 -33.32 -11.55
N LEU A 168 11.64 -33.80 -12.00
CA LEU A 168 11.83 -35.22 -12.20
C LEU A 168 11.76 -35.99 -10.88
N ALA A 169 12.08 -35.34 -9.77
CA ALA A 169 12.05 -36.01 -8.47
C ALA A 169 10.68 -36.62 -8.18
N ALA A 170 9.62 -36.03 -8.72
CA ALA A 170 8.27 -36.55 -8.53
C ALA A 170 7.94 -37.69 -9.48
N ASP A 171 8.86 -38.04 -10.38
CA ASP A 171 8.69 -39.11 -11.36
C ASP A 171 7.48 -38.88 -12.25
N PRO A 172 7.40 -37.76 -12.96
CA PRO A 172 6.27 -37.53 -13.85
C PRO A 172 6.34 -38.39 -15.10
N LYS A 173 5.18 -38.74 -15.63
CA LYS A 173 5.13 -39.47 -16.89
C LYS A 173 5.05 -38.55 -18.09
N PHE A 174 4.44 -37.37 -17.93
CA PHE A 174 4.40 -36.37 -18.98
C PHE A 174 4.81 -35.04 -18.35
N MET A 175 5.71 -34.32 -19.03
CA MET A 175 6.22 -33.04 -18.56
C MET A 175 5.78 -31.95 -19.51
N LEU A 176 5.10 -30.94 -18.96
CA LEU A 176 4.60 -29.81 -19.74
C LEU A 176 5.51 -28.60 -19.49
N LEU A 177 6.25 -28.20 -20.52
CA LEU A 177 7.23 -27.12 -20.41
C LEU A 177 6.64 -25.84 -20.97
N ASP A 178 6.72 -24.75 -20.19
CA ASP A 178 6.23 -23.45 -20.61
C ASP A 178 7.43 -22.59 -21.00
N GLU A 179 7.56 -22.32 -22.30
CA GLU A 179 8.60 -21.45 -22.83
C GLU A 179 10.01 -21.80 -22.33
N PRO A 180 10.49 -23.02 -22.63
CA PRO A 180 11.84 -23.39 -22.16
C PRO A 180 12.97 -22.60 -22.80
N PHE A 181 12.75 -21.98 -23.96
CA PHE A 181 13.80 -21.25 -24.65
C PHE A 181 13.71 -19.74 -24.46
N ALA A 182 12.83 -19.27 -23.59
CA ALA A 182 12.70 -17.84 -23.38
C ALA A 182 13.93 -17.29 -22.65
N GLY A 183 14.50 -16.21 -23.20
CA GLY A 183 15.65 -15.58 -22.58
C GLY A 183 16.91 -16.41 -22.63
N VAL A 184 17.01 -17.33 -23.59
CA VAL A 184 18.14 -18.23 -23.71
C VAL A 184 18.97 -17.86 -24.93
N ASP A 185 20.26 -17.63 -24.72
CA ASP A 185 21.14 -17.29 -25.81
C ASP A 185 21.38 -18.51 -26.70
N PRO A 186 21.81 -18.29 -27.94
CA PRO A 186 22.03 -19.44 -28.84
C PRO A 186 23.03 -20.46 -28.32
N ILE A 187 23.97 -20.06 -27.46
CA ILE A 187 24.94 -21.00 -26.93
C ILE A 187 24.28 -22.03 -26.02
N SER A 188 23.29 -21.62 -25.23
CA SER A 188 22.65 -22.52 -24.29
C SER A 188 21.43 -23.24 -24.86
N VAL A 189 20.99 -22.86 -26.07
CA VAL A 189 19.88 -23.57 -26.70
C VAL A 189 20.25 -25.03 -26.95
N GLY A 190 21.51 -25.27 -27.32
CA GLY A 190 21.97 -26.64 -27.48
C GLY A 190 21.90 -27.45 -26.19
N ASP A 191 22.31 -26.85 -25.08
CA ASP A 191 22.24 -27.53 -23.79
C ASP A 191 20.79 -27.82 -23.41
N ILE A 192 19.89 -26.86 -23.62
CA ILE A 192 18.49 -27.09 -23.30
C ILE A 192 17.90 -28.19 -24.18
N LYS A 193 18.26 -28.20 -25.47
CA LYS A 193 17.80 -29.27 -26.36
C LYS A 193 18.31 -30.62 -25.89
N ASP A 194 19.57 -30.68 -25.45
CA ASP A 194 20.12 -31.91 -24.93
C ASP A 194 19.37 -32.37 -23.68
N ILE A 195 19.02 -31.41 -22.81
CA ILE A 195 18.24 -31.75 -21.61
C ILE A 195 16.88 -32.32 -22.00
N ILE A 196 16.22 -31.70 -22.96
CA ILE A 196 14.89 -32.16 -23.37
C ILE A 196 14.99 -33.56 -23.98
N ARG A 197 16.06 -33.80 -24.75
CA ARG A 197 16.25 -35.12 -25.31
C ARG A 197 16.56 -36.15 -24.23
N ASN A 198 17.24 -35.74 -23.16
CA ASN A 198 17.43 -36.63 -22.02
C ASN A 198 16.11 -36.99 -21.36
N LEU A 199 15.22 -36.01 -21.17
CA LEU A 199 13.88 -36.33 -20.66
C LEU A 199 13.17 -37.31 -21.58
N LYS A 200 13.26 -37.10 -22.89
CA LYS A 200 12.66 -38.04 -23.83
C LYS A 200 13.24 -39.44 -23.66
N ASP A 201 14.57 -39.54 -23.54
CA ASP A 201 15.20 -40.84 -23.37
C ASP A 201 14.78 -41.50 -22.06
N ARG A 202 14.44 -40.69 -21.04
CA ARG A 202 13.97 -41.23 -19.77
C ARG A 202 12.54 -41.77 -19.85
N GLY A 203 11.90 -41.68 -21.01
CA GLY A 203 10.53 -42.16 -21.15
C GLY A 203 9.45 -41.16 -20.82
N ILE A 204 9.79 -39.89 -20.66
CA ILE A 204 8.83 -38.85 -20.31
C ILE A 204 8.43 -38.09 -21.56
N GLY A 205 7.14 -38.12 -21.89
CA GLY A 205 6.65 -37.36 -23.01
C GLY A 205 6.60 -35.88 -22.68
N VAL A 206 7.23 -35.07 -23.54
CA VAL A 206 7.40 -33.65 -23.28
C VAL A 206 6.47 -32.87 -24.18
N LEU A 207 5.60 -32.05 -23.57
CA LEU A 207 4.74 -31.12 -24.30
C LEU A 207 5.30 -29.71 -24.11
N ILE A 208 5.90 -29.17 -25.17
CA ILE A 208 6.58 -27.88 -25.11
C ILE A 208 5.66 -26.83 -25.70
N THR A 209 5.50 -25.71 -25.00
CA THR A 209 4.85 -24.53 -25.57
C THR A 209 5.82 -23.36 -25.49
N ASP A 210 6.05 -22.71 -26.63
CA ASP A 210 7.06 -21.67 -26.69
C ASP A 210 6.78 -20.76 -27.89
N HIS A 211 7.26 -19.53 -27.78
CA HIS A 211 7.19 -18.59 -28.90
C HIS A 211 8.24 -18.88 -29.96
N ASN A 212 9.41 -19.37 -29.55
CA ASN A 212 10.52 -19.62 -30.46
C ASN A 212 10.20 -20.87 -31.27
N VAL A 213 9.48 -20.69 -32.38
CA VAL A 213 9.06 -21.82 -33.20
C VAL A 213 10.25 -22.49 -33.87
N ARG A 214 11.26 -21.71 -34.27
CA ARG A 214 12.37 -22.26 -35.03
C ARG A 214 13.09 -23.36 -34.26
N GLU A 215 13.42 -23.10 -32.99
CA GLU A 215 14.12 -24.11 -32.20
C GLU A 215 13.19 -25.19 -31.68
N THR A 216 11.90 -24.88 -31.50
CA THR A 216 10.96 -25.88 -31.03
C THR A 216 10.72 -26.95 -32.09
N LEU A 217 10.57 -26.53 -33.35
CA LEU A 217 10.37 -27.50 -34.43
C LEU A 217 11.60 -28.33 -34.72
N ALA A 218 12.77 -27.92 -34.21
CA ALA A 218 14.00 -28.67 -34.47
C ALA A 218 14.02 -30.02 -33.75
N ILE A 219 13.36 -30.12 -32.59
CA ILE A 219 13.39 -31.33 -31.80
C ILE A 219 12.04 -32.03 -31.71
N CYS A 220 10.94 -31.29 -31.77
CA CYS A 220 9.63 -31.89 -31.58
C CYS A 220 9.35 -32.93 -32.66
N GLU A 221 9.00 -34.14 -32.23
CA GLU A 221 8.64 -35.19 -33.19
C GLU A 221 7.26 -34.97 -33.78
N HIS A 222 6.36 -34.31 -33.05
CA HIS A 222 5.04 -34.03 -33.59
C HIS A 222 4.61 -32.65 -33.10
N ALA A 223 3.96 -31.89 -33.97
CA ALA A 223 3.62 -30.50 -33.67
C ALA A 223 2.17 -30.22 -34.04
N TYR A 224 1.51 -29.44 -33.20
CA TYR A 224 0.16 -28.94 -33.46
C TYR A 224 0.19 -27.43 -33.49
N ILE A 225 -0.38 -26.84 -34.55
CA ILE A 225 -0.46 -25.40 -34.72
C ILE A 225 -1.90 -24.99 -34.42
N VAL A 226 -2.06 -24.04 -33.51
CA VAL A 226 -3.38 -23.55 -33.10
C VAL A 226 -3.51 -22.10 -33.55
N SER A 227 -4.53 -21.82 -34.36
CA SER A 227 -4.83 -20.48 -34.80
C SER A 227 -6.33 -20.27 -34.70
N GLU A 228 -6.73 -19.02 -34.42
CA GLU A 228 -8.14 -18.66 -34.28
C GLU A 228 -8.84 -19.54 -33.25
N GLY A 229 -8.07 -20.06 -32.29
CA GLY A 229 -8.62 -20.88 -31.23
C GLY A 229 -8.85 -22.32 -31.60
N ALA A 230 -8.43 -22.77 -32.79
CA ALA A 230 -8.63 -24.15 -33.21
C ALA A 230 -7.36 -24.66 -33.87
N VAL A 231 -7.20 -25.98 -33.87
CA VAL A 231 -6.02 -26.60 -34.46
C VAL A 231 -6.17 -26.57 -35.98
N ILE A 232 -5.20 -25.94 -36.66
CA ILE A 232 -5.24 -25.83 -38.11
C ILE A 232 -4.25 -26.76 -38.81
N ALA A 233 -3.25 -27.29 -38.10
CA ALA A 233 -2.27 -28.17 -38.72
C ALA A 233 -1.72 -29.12 -37.68
N GLU A 234 -1.19 -30.25 -38.15
CA GLU A 234 -0.59 -31.26 -37.29
C GLU A 234 0.28 -32.17 -38.15
N GLY A 235 1.27 -32.79 -37.51
CA GLY A 235 2.17 -33.69 -38.17
C GLY A 235 3.60 -33.39 -37.79
N SER A 236 4.54 -33.98 -38.54
CA SER A 236 5.95 -33.76 -38.31
C SER A 236 6.33 -32.32 -38.67
N PRO A 237 7.44 -31.81 -38.12
CA PRO A 237 7.84 -30.42 -38.45
C PRO A 237 7.95 -30.16 -39.95
N GLN A 238 8.43 -31.12 -40.72
CA GLN A 238 8.50 -30.94 -42.17
C GLN A 238 7.09 -30.78 -42.75
N ASP A 239 6.15 -31.60 -42.29
CA ASP A 239 4.77 -31.46 -42.75
C ASP A 239 4.19 -30.10 -42.37
N ILE A 240 4.53 -29.60 -41.18
CA ILE A 240 4.06 -28.30 -40.76
C ILE A 240 4.63 -27.21 -41.65
N LEU A 241 5.94 -27.27 -41.93
CA LEU A 241 6.56 -26.28 -42.79
C LEU A 241 5.99 -26.32 -44.20
N GLU A 242 5.62 -27.51 -44.68
CA GLU A 242 5.03 -27.62 -46.01
C GLU A 242 3.59 -27.15 -46.05
N ASN A 243 2.91 -27.10 -44.91
CA ASN A 243 1.51 -26.69 -44.88
C ASN A 243 1.37 -25.25 -45.37
N GLU A 244 0.41 -25.03 -46.28
CA GLU A 244 0.21 -23.70 -46.85
C GLU A 244 -0.52 -22.76 -45.90
N GLN A 245 -1.46 -23.27 -45.10
CA GLN A 245 -2.22 -22.40 -44.22
C GLN A 245 -1.35 -21.77 -43.13
N VAL A 246 -0.49 -22.57 -42.50
CA VAL A 246 0.39 -22.02 -41.48
C VAL A 246 1.35 -21.00 -42.09
N ARG A 247 1.87 -21.28 -43.29
CA ARG A 247 2.70 -20.31 -43.97
C ARG A 247 1.94 -19.01 -44.21
N LYS A 248 0.68 -19.12 -44.61
CA LYS A 248 -0.10 -17.92 -44.90
C LYS A 248 -0.36 -17.10 -43.64
N VAL A 249 -0.69 -17.76 -42.53
CA VAL A 249 -1.17 -17.07 -41.34
C VAL A 249 -0.09 -16.95 -40.26
N TYR A 250 0.80 -17.94 -40.15
CA TYR A 250 1.71 -17.99 -39.00
C TYR A 250 3.18 -17.83 -39.38
N LEU A 251 3.70 -18.66 -40.29
CA LEU A 251 5.13 -18.69 -40.57
C LEU A 251 5.59 -17.73 -41.66
N GLY A 252 4.70 -17.29 -42.54
CA GLY A 252 5.07 -16.43 -43.64
C GLY A 252 5.68 -17.22 -44.79
N ASP A 253 5.81 -16.51 -45.92
CA ASP A 253 6.27 -17.18 -47.15
C ASP A 253 7.70 -17.70 -47.00
N ASP A 254 8.51 -17.03 -46.18
CA ASP A 254 9.93 -17.46 -46.08
C ASP A 254 10.32 -17.79 -44.64
N PHE A 255 10.74 -19.02 -44.38
CA PHE A 255 11.08 -19.43 -42.99
C PHE A 255 11.88 -20.71 -43.08
N THR A 256 12.84 -20.89 -42.17
CA THR A 256 13.61 -22.16 -42.16
C THR A 256 14.20 -22.40 -40.77
N GLN B 18 24.34 14.18 -37.21
CA GLN B 18 24.14 13.98 -35.78
C GLN B 18 24.74 12.64 -35.35
N THR B 19 25.53 12.66 -34.28
CA THR B 19 26.18 11.45 -33.78
C THR B 19 26.08 11.40 -32.26
N LEU B 20 25.54 10.30 -31.75
CA LEU B 20 25.46 10.04 -30.32
C LEU B 20 26.62 9.14 -29.92
N CYS B 21 27.49 9.62 -29.05
CA CYS B 21 28.68 8.90 -28.63
C CYS B 21 28.57 8.57 -27.15
N ILE B 22 28.82 7.32 -26.79
CA ILE B 22 28.74 6.85 -25.41
C ILE B 22 30.09 6.27 -25.05
N LYS B 23 30.68 6.73 -23.94
CA LYS B 23 32.04 6.38 -23.59
C LYS B 23 32.14 5.89 -22.16
N HIS B 24 32.73 4.71 -21.98
CA HIS B 24 33.17 4.19 -20.68
C HIS B 24 32.04 4.13 -19.65
N LEU B 25 30.90 3.61 -20.06
CA LEU B 25 29.82 3.36 -19.11
C LEU B 25 30.23 2.27 -18.13
N ALA B 26 29.73 2.40 -16.90
CA ALA B 26 29.92 1.39 -15.87
C ALA B 26 28.79 1.52 -14.85
N LYS B 27 28.38 0.39 -14.30
CA LYS B 27 27.28 0.36 -13.34
C LYS B 27 27.41 -0.88 -12.48
N ASN B 28 27.15 -0.75 -11.18
CA ASN B 28 27.30 -1.86 -10.25
C ASN B 28 26.06 -2.00 -9.40
N TYR B 29 25.64 -3.24 -9.17
CA TYR B 29 24.53 -3.57 -8.28
C TYR B 29 25.02 -4.54 -7.22
N SER B 30 24.63 -4.28 -5.97
CA SER B 30 25.00 -5.14 -4.84
C SER B 30 26.51 -5.35 -4.75
N LYS B 31 27.27 -4.27 -4.98
CA LYS B 31 28.73 -4.28 -4.95
C LYS B 31 29.33 -5.22 -6.00
N ARG B 32 28.58 -5.51 -7.06
CA ARG B 32 29.07 -6.29 -8.20
C ARG B 32 28.99 -5.43 -9.44
N TRP B 33 30.10 -5.33 -10.17
CA TRP B 33 30.16 -4.47 -11.35
C TRP B 33 29.52 -5.19 -12.52
N VAL B 34 28.26 -4.85 -12.81
CA VAL B 34 27.53 -5.52 -13.88
C VAL B 34 27.98 -5.00 -15.25
N VAL B 35 28.28 -3.71 -15.34
CA VAL B 35 28.73 -3.10 -16.59
C VAL B 35 30.07 -2.42 -16.35
N LYS B 36 31.04 -2.69 -17.23
CA LYS B 36 32.39 -2.18 -17.07
C LYS B 36 32.91 -1.70 -18.41
N ASP B 37 33.09 -0.38 -18.55
CA ASP B 37 33.73 0.21 -19.71
C ASP B 37 33.03 -0.18 -21.02
N VAL B 38 31.73 0.12 -21.09
CA VAL B 38 30.97 -0.06 -22.33
C VAL B 38 30.96 1.25 -23.11
N SER B 39 31.28 1.17 -24.40
CA SER B 39 31.35 2.35 -25.22
C SER B 39 30.96 2.00 -26.65
N PHE B 40 30.32 2.96 -27.34
CA PHE B 40 29.98 2.80 -28.75
C PHE B 40 29.56 4.15 -29.30
N GLU B 41 29.19 4.15 -30.57
CA GLU B 41 28.77 5.36 -31.26
C GLU B 41 27.67 5.01 -32.25
N MET B 42 26.78 5.97 -32.50
CA MET B 42 25.67 5.78 -33.41
C MET B 42 25.41 7.09 -34.14
N GLN B 43 24.79 6.99 -35.31
CA GLN B 43 24.54 8.15 -36.15
C GLN B 43 23.10 8.12 -36.65
N SER B 44 22.58 9.31 -36.95
CA SER B 44 21.24 9.41 -37.51
C SER B 44 21.18 8.71 -38.85
N GLY B 45 20.05 8.06 -39.14
CA GLY B 45 19.94 7.28 -40.35
C GLY B 45 20.73 5.99 -40.34
N GLN B 46 21.15 5.53 -39.16
CA GLN B 46 21.94 4.31 -39.03
C GLN B 46 21.29 3.43 -37.97
N ILE B 47 21.17 2.14 -38.27
CA ILE B 47 20.61 1.16 -37.34
C ILE B 47 21.74 0.43 -36.63
N VAL B 48 21.76 0.54 -35.30
CA VAL B 48 22.79 -0.07 -34.48
C VAL B 48 22.13 -1.02 -33.49
N GLY B 49 22.67 -2.23 -33.41
CA GLY B 49 22.18 -3.26 -32.50
C GLY B 49 23.07 -3.34 -31.28
N LEU B 50 22.46 -3.56 -30.13
CA LEU B 50 23.20 -3.72 -28.87
C LEU B 50 22.83 -5.09 -28.32
N LEU B 51 23.65 -6.09 -28.61
CA LEU B 51 23.32 -7.48 -28.36
C LEU B 51 24.33 -8.08 -27.39
N GLY B 52 24.08 -9.34 -27.02
CA GLY B 52 24.96 -10.03 -26.10
C GLY B 52 24.19 -11.02 -25.25
N PRO B 53 24.92 -11.82 -24.46
CA PRO B 53 24.24 -12.79 -23.58
C PRO B 53 23.32 -12.08 -22.60
N ASN B 54 22.21 -12.75 -22.27
CA ASN B 54 21.25 -12.19 -21.34
C ASN B 54 21.91 -11.86 -20.01
N GLY B 55 21.66 -10.65 -19.52
CA GLY B 55 22.20 -10.23 -18.24
C GLY B 55 23.68 -9.93 -18.24
N ALA B 56 24.32 -9.87 -19.40
CA ALA B 56 25.75 -9.59 -19.50
C ALA B 56 26.07 -8.11 -19.58
N GLY B 57 25.06 -7.24 -19.66
CA GLY B 57 25.33 -5.82 -19.66
C GLY B 57 24.57 -5.04 -20.73
N LYS B 58 24.05 -5.72 -21.74
CA LYS B 58 23.37 -5.02 -22.82
C LYS B 58 22.13 -4.29 -22.32
N THR B 59 21.34 -4.94 -21.48
CA THR B 59 20.11 -4.32 -20.97
C THR B 59 20.42 -3.15 -20.05
N THR B 60 21.34 -3.35 -19.11
CA THR B 60 21.71 -2.27 -18.21
C THR B 60 22.33 -1.10 -18.96
N SER B 61 23.20 -1.38 -19.93
CA SER B 61 23.80 -0.31 -20.73
C SER B 61 22.72 0.45 -21.51
N PHE B 62 21.75 -0.28 -22.06
CA PHE B 62 20.67 0.37 -22.78
C PHE B 62 19.88 1.29 -21.86
N TYR B 63 19.54 0.80 -20.67
CA TYR B 63 18.80 1.64 -19.74
C TYR B 63 19.62 2.82 -19.25
N MET B 64 20.95 2.66 -19.17
CA MET B 64 21.81 3.79 -18.84
C MET B 64 21.76 4.86 -19.93
N VAL B 65 21.72 4.42 -21.19
CA VAL B 65 21.60 5.38 -22.30
C VAL B 65 20.23 6.06 -22.27
N VAL B 66 19.16 5.28 -22.05
CA VAL B 66 17.82 5.86 -22.03
C VAL B 66 17.66 6.84 -20.89
N GLY B 67 18.18 6.50 -19.71
CA GLY B 67 18.07 7.36 -18.54
C GLY B 67 17.30 6.75 -17.39
N LEU B 68 16.75 5.54 -17.53
CA LEU B 68 15.98 4.92 -16.44
C LEU B 68 16.85 4.62 -15.23
N VAL B 69 18.13 4.34 -15.43
CA VAL B 69 19.04 3.98 -14.36
C VAL B 69 20.16 5.02 -14.30
N ARG B 70 20.41 5.54 -13.10
CA ARG B 70 21.46 6.54 -12.92
C ARG B 70 22.82 5.94 -13.24
N MET B 71 23.64 6.73 -13.93
CA MET B 71 24.97 6.29 -14.34
C MET B 71 25.97 6.46 -13.21
N ASP B 72 26.80 5.43 -13.00
CA ASP B 72 27.90 5.52 -12.05
C ASP B 72 29.20 6.03 -12.66
N LYS B 73 29.41 5.87 -13.96
CA LYS B 73 30.62 6.36 -14.61
C LYS B 73 30.39 6.40 -16.11
N GLY B 74 31.17 7.23 -16.79
CA GLY B 74 31.07 7.37 -18.23
C GLY B 74 30.52 8.71 -18.65
N GLU B 75 30.39 8.87 -19.95
CA GLU B 75 29.87 10.11 -20.51
C GLU B 75 29.09 9.82 -21.78
N ILE B 76 28.17 10.73 -22.09
CA ILE B 76 27.35 10.65 -23.30
C ILE B 76 27.36 12.02 -23.95
N HIS B 77 27.61 12.04 -25.27
CA HIS B 77 27.68 13.28 -26.03
C HIS B 77 26.78 13.17 -27.24
N LEU B 78 26.20 14.31 -27.64
CA LEU B 78 25.40 14.41 -28.86
C LEU B 78 25.86 15.67 -29.60
N ASP B 79 26.84 15.50 -30.48
CA ASP B 79 27.43 16.62 -31.24
C ASP B 79 27.92 17.71 -30.30
N ASN B 80 28.91 17.35 -29.48
CA ASN B 80 29.59 18.25 -28.55
C ASN B 80 28.65 18.81 -27.49
N LEU B 81 27.46 18.23 -27.34
CA LEU B 81 26.53 18.60 -26.29
C LEU B 81 26.46 17.45 -25.30
N ASP B 82 26.85 17.71 -24.06
CA ASP B 82 26.98 16.67 -23.05
C ASP B 82 25.62 16.34 -22.47
N LEU B 83 25.21 15.08 -22.57
CA LEU B 83 23.99 14.57 -21.96
C LEU B 83 24.26 13.79 -20.67
N SER B 84 25.48 13.86 -20.13
CA SER B 84 25.83 13.02 -18.99
C SER B 84 24.97 13.33 -17.77
N ASP B 85 24.86 14.62 -17.42
CA ASP B 85 24.15 14.99 -16.21
C ASP B 85 22.66 15.25 -16.43
N LEU B 86 22.19 15.30 -17.67
CA LEU B 86 20.79 15.59 -17.91
C LEU B 86 19.91 14.42 -17.52
N ALA B 87 18.72 14.74 -17.03
CA ALA B 87 17.74 13.72 -16.66
C ALA B 87 17.08 13.15 -17.92
N MET B 88 16.22 12.15 -17.70
CA MET B 88 15.60 11.44 -18.82
C MET B 88 14.83 12.40 -19.72
N HIS B 89 13.96 13.22 -19.14
CA HIS B 89 13.13 14.10 -19.95
C HIS B 89 13.96 15.15 -20.66
N GLU B 90 15.05 15.62 -20.04
CA GLU B 90 15.92 16.57 -20.72
C GLU B 90 16.58 15.94 -21.94
N ARG B 91 17.04 14.69 -21.81
CA ARG B 91 17.56 13.97 -22.97
C ARG B 91 16.49 13.84 -24.03
N ALA B 92 15.26 13.51 -23.63
CA ALA B 92 14.18 13.37 -24.60
C ALA B 92 13.95 14.70 -25.33
N ARG B 93 14.02 15.81 -24.59
CA ARG B 93 13.90 17.12 -25.20
C ARG B 93 15.02 17.36 -26.20
N LYS B 94 16.17 16.72 -26.02
CA LYS B 94 17.25 16.87 -26.97
C LYS B 94 17.09 15.99 -28.21
N GLY B 95 16.13 15.05 -28.20
CA GLY B 95 15.86 14.26 -29.38
C GLY B 95 16.05 12.76 -29.21
N ILE B 96 16.00 12.27 -27.98
CA ILE B 96 16.20 10.86 -27.69
C ILE B 96 14.85 10.27 -27.27
N GLY B 97 14.15 9.64 -28.22
CA GLY B 97 12.93 8.94 -27.90
C GLY B 97 13.18 7.49 -27.49
N TYR B 98 12.21 6.91 -26.80
CA TYR B 98 12.36 5.59 -26.22
C TYR B 98 11.06 4.81 -26.36
N LEU B 99 11.17 3.57 -26.83
CA LEU B 99 10.01 2.69 -27.02
C LEU B 99 10.14 1.46 -26.13
N PRO B 100 9.36 1.38 -25.05
CA PRO B 100 9.49 0.25 -24.13
C PRO B 100 8.99 -1.05 -24.74
N GLN B 101 9.46 -2.15 -24.16
CA GLN B 101 8.99 -3.47 -24.57
C GLN B 101 7.51 -3.66 -24.22
N GLU B 102 7.15 -3.38 -22.98
CA GLU B 102 5.78 -3.62 -22.53
C GLU B 102 4.84 -2.56 -23.08
N ALA B 103 3.54 -2.85 -22.99
CA ALA B 103 2.54 -1.92 -23.50
C ALA B 103 2.64 -0.57 -22.80
N SER B 104 2.59 0.50 -23.57
CA SER B 104 2.70 1.84 -23.01
C SER B 104 1.65 2.80 -23.55
N ILE B 105 0.70 2.32 -24.36
CA ILE B 105 -0.36 3.19 -24.85
C ILE B 105 -1.22 3.65 -23.66
N PHE B 106 -1.57 4.93 -23.66
CA PHE B 106 -2.46 5.46 -22.63
C PHE B 106 -3.77 4.70 -22.66
N ARG B 107 -4.05 3.93 -21.60
CA ARG B 107 -5.13 2.95 -21.66
C ARG B 107 -6.48 3.60 -21.92
N LYS B 108 -6.78 4.69 -21.21
CA LYS B 108 -8.11 5.29 -21.24
C LYS B 108 -8.19 6.50 -22.16
N LEU B 109 -7.19 6.71 -23.01
CA LEU B 109 -7.21 7.79 -23.98
C LEU B 109 -7.34 7.22 -25.39
N THR B 110 -8.05 7.95 -26.23
CA THR B 110 -8.22 7.53 -27.62
C THR B 110 -6.88 7.61 -28.36
N ILE B 111 -6.73 6.78 -29.39
CA ILE B 111 -5.49 6.74 -30.16
C ILE B 111 -5.19 8.10 -30.77
N ALA B 112 -6.21 8.73 -31.37
CA ALA B 112 -6.05 10.10 -31.86
C ALA B 112 -5.65 11.02 -30.71
N GLU B 113 -6.31 10.88 -29.56
CA GLU B 113 -5.92 11.63 -28.38
C GLU B 113 -4.51 11.27 -27.94
N ASN B 114 -4.15 9.99 -28.04
CA ASN B 114 -2.81 9.56 -27.67
C ASN B 114 -1.75 10.31 -28.45
N ILE B 115 -1.92 10.40 -29.78
CA ILE B 115 -0.94 11.11 -30.59
C ILE B 115 -1.00 12.61 -30.35
N MET B 116 -2.23 13.15 -30.25
CA MET B 116 -2.39 14.59 -30.09
C MET B 116 -1.80 15.09 -28.78
N ALA B 117 -1.84 14.27 -27.73
CA ALA B 117 -1.27 14.66 -26.45
C ALA B 117 0.21 14.98 -26.59
N ILE B 118 0.94 14.15 -27.32
CA ILE B 118 2.37 14.40 -27.54
C ILE B 118 2.57 15.52 -28.56
N LEU B 119 1.67 15.63 -29.55
CA LEU B 119 1.78 16.71 -30.52
C LEU B 119 1.67 18.08 -29.85
N GLU B 120 0.76 18.20 -28.89
CA GLU B 120 0.55 19.48 -28.19
C GLU B 120 1.80 19.92 -27.43
N THR B 121 2.70 18.98 -27.10
CA THR B 121 3.92 19.35 -26.41
C THR B 121 4.91 20.07 -27.31
N ARG B 122 4.72 20.00 -28.63
CA ARG B 122 5.64 20.64 -29.56
C ARG B 122 5.41 22.14 -29.54
N LYS B 123 6.46 22.91 -29.22
CA LYS B 123 6.36 24.36 -29.18
C LYS B 123 6.38 25.01 -30.55
N ASP B 124 6.88 24.31 -31.57
CA ASP B 124 7.05 24.89 -32.90
C ASP B 124 5.87 24.62 -33.83
N LEU B 125 4.75 24.14 -33.30
CA LEU B 125 3.57 23.86 -34.10
C LEU B 125 2.38 24.64 -33.54
N ASN B 126 1.36 24.80 -34.37
CA ASN B 126 0.08 25.36 -33.95
C ASN B 126 -1.04 24.40 -34.32
N LYS B 127 -2.28 24.78 -33.97
CA LYS B 127 -3.41 23.85 -34.04
C LYS B 127 -3.55 23.25 -35.43
N GLN B 128 -3.47 24.08 -36.47
CA GLN B 128 -3.72 23.61 -37.83
C GLN B 128 -2.68 22.57 -38.24
N GLN B 129 -1.39 22.91 -38.10
CA GLN B 129 -0.36 21.95 -38.49
C GLN B 129 -0.22 20.81 -37.48
N ARG B 130 -0.64 20.99 -36.24
CA ARG B 130 -0.76 19.85 -35.33
C ARG B 130 -1.77 18.84 -35.87
N GLN B 131 -2.93 19.31 -36.30
CA GLN B 131 -3.94 18.42 -36.87
C GLN B 131 -3.43 17.79 -38.16
N GLN B 132 -2.73 18.56 -38.99
CA GLN B 132 -2.18 18.03 -40.23
C GLN B 132 -1.16 16.93 -39.95
N ARG B 133 -0.29 17.14 -38.95
CA ARG B 133 0.68 16.12 -38.57
C ARG B 133 -0.01 14.88 -38.02
N LEU B 134 -1.07 15.06 -37.24
CA LEU B 134 -1.83 13.91 -36.75
C LEU B 134 -2.40 13.11 -37.92
N GLN B 135 -2.96 13.81 -38.91
CA GLN B 135 -3.52 13.13 -40.08
C GLN B 135 -2.43 12.36 -40.82
N GLU B 136 -1.27 12.98 -41.01
CA GLU B 136 -0.20 12.31 -41.74
C GLU B 136 0.30 11.08 -40.99
N LEU B 137 0.43 11.17 -39.66
CA LEU B 137 0.88 10.02 -38.90
C LEU B 137 -0.15 8.90 -38.94
N LEU B 138 -1.43 9.24 -38.84
CA LEU B 138 -2.46 8.22 -38.90
C LEU B 138 -2.47 7.54 -40.26
N ASN B 139 -2.34 8.31 -41.34
CA ASN B 139 -2.34 7.69 -42.66
C ASN B 139 -1.09 6.85 -42.86
N ASP B 140 0.06 7.34 -42.37
CA ASP B 140 1.32 6.66 -42.58
C ASP B 140 1.34 5.31 -41.90
N PHE B 141 0.80 5.23 -40.69
CA PHE B 141 0.80 3.97 -39.94
C PHE B 141 -0.46 3.15 -40.16
N LYS B 142 -1.38 3.60 -41.00
CA LYS B 142 -2.56 2.85 -41.41
C LYS B 142 -3.50 2.53 -40.25
N ILE B 143 -3.35 3.26 -39.14
CA ILE B 143 -4.23 3.08 -37.99
C ILE B 143 -5.36 4.09 -37.99
N THR B 144 -5.57 4.79 -39.11
CA THR B 144 -6.61 5.81 -39.17
C THR B 144 -8.00 5.22 -38.94
N HIS B 145 -8.26 4.03 -39.47
CA HIS B 145 -9.59 3.45 -39.35
C HIS B 145 -9.95 3.09 -37.91
N ILE B 146 -8.96 2.93 -37.04
CA ILE B 146 -9.19 2.62 -35.63
C ILE B 146 -8.84 3.83 -34.77
N LYS B 147 -8.82 5.02 -35.36
CA LYS B 147 -8.39 6.23 -34.65
C LYS B 147 -9.29 6.54 -33.46
N ASP B 148 -10.58 6.23 -33.53
CA ASP B 148 -11.53 6.61 -32.49
C ASP B 148 -11.63 5.62 -31.33
N SER B 149 -10.95 4.48 -31.38
CA SER B 149 -11.07 3.50 -30.31
C SER B 149 -10.05 3.76 -29.22
N LEU B 150 -10.38 3.29 -28.01
CA LEU B 150 -9.49 3.43 -26.88
C LEU B 150 -8.28 2.52 -27.02
N GLY B 151 -7.16 2.94 -26.43
CA GLY B 151 -5.94 2.16 -26.51
C GLY B 151 -6.05 0.79 -25.87
N MET B 152 -6.83 0.68 -24.79
CA MET B 152 -6.96 -0.59 -24.09
C MET B 152 -7.73 -1.64 -24.88
N SER B 153 -8.38 -1.25 -25.98
CA SER B 153 -9.21 -2.15 -26.78
C SER B 153 -8.70 -2.25 -28.21
N VAL B 154 -7.39 -2.40 -28.37
CA VAL B 154 -6.77 -2.52 -29.69
C VAL B 154 -5.83 -3.72 -29.66
N SER B 155 -5.56 -4.27 -30.85
CA SER B 155 -4.72 -5.46 -30.95
C SER B 155 -3.26 -5.10 -30.75
N GLY B 156 -2.41 -6.13 -30.65
CA GLY B 156 -1.01 -5.89 -30.35
C GLY B 156 -0.27 -5.13 -31.44
N GLY B 157 -0.45 -5.54 -32.70
CA GLY B 157 0.25 -4.88 -33.78
C GLY B 157 -0.17 -3.44 -33.98
N GLU B 158 -1.48 -3.20 -33.99
CA GLU B 158 -1.98 -1.84 -34.13
C GLU B 158 -1.59 -0.98 -32.93
N ARG B 159 -1.60 -1.57 -31.73
CA ARG B 159 -1.15 -0.83 -30.55
C ARG B 159 0.31 -0.44 -30.68
N ARG B 160 1.15 -1.36 -31.14
CA ARG B 160 2.57 -1.05 -31.31
C ARG B 160 2.76 0.05 -32.36
N ARG B 161 2.01 -0.02 -33.45
CA ARG B 161 2.11 1.02 -34.47
C ARG B 161 1.67 2.37 -33.92
N ALA B 162 0.61 2.38 -33.11
CA ALA B 162 0.17 3.62 -32.48
C ALA B 162 1.25 4.16 -31.54
N GLU B 163 1.90 3.28 -30.79
CA GLU B 163 2.99 3.70 -29.91
C GLU B 163 4.12 4.32 -30.70
N ILE B 164 4.48 3.70 -31.84
CA ILE B 164 5.57 4.23 -32.65
C ILE B 164 5.20 5.58 -33.24
N ALA B 165 3.94 5.73 -33.70
CA ALA B 165 3.49 7.01 -34.20
C ALA B 165 3.52 8.08 -33.11
N ARG B 166 3.08 7.72 -31.91
CA ARG B 166 3.12 8.65 -30.79
C ARG B 166 4.55 9.06 -30.46
N ALA B 167 5.49 8.11 -30.50
CA ALA B 167 6.89 8.44 -30.29
C ALA B 167 7.42 9.38 -31.36
N LEU B 168 7.07 9.13 -32.62
CA LEU B 168 7.49 10.01 -33.70
C LEU B 168 6.87 11.40 -33.58
N ALA B 169 5.70 11.50 -32.94
CA ALA B 169 5.05 12.80 -32.79
C ALA B 169 5.94 13.81 -32.11
N ALA B 170 6.85 13.37 -31.25
CA ALA B 170 7.78 14.26 -30.57
C ALA B 170 8.99 14.62 -31.43
N ASP B 171 9.09 14.06 -32.64
CA ASP B 171 10.17 14.31 -33.59
C ASP B 171 11.53 13.95 -32.98
N PRO B 172 11.73 12.71 -32.54
CA PRO B 172 13.04 12.35 -32.00
C PRO B 172 14.08 12.20 -33.10
N LYS B 173 15.33 12.47 -32.73
CA LYS B 173 16.43 12.27 -33.66
C LYS B 173 17.03 10.87 -33.55
N PHE B 174 16.99 10.28 -32.35
CA PHE B 174 17.43 8.91 -32.14
C PHE B 174 16.34 8.19 -31.37
N MET B 175 15.99 6.98 -31.82
CA MET B 175 14.95 6.18 -31.19
C MET B 175 15.57 4.92 -30.61
N LEU B 176 15.36 4.70 -29.32
CA LEU B 176 15.90 3.54 -28.61
C LEU B 176 14.78 2.54 -28.40
N LEU B 177 14.85 1.40 -29.08
CA LEU B 177 13.80 0.39 -29.04
C LEU B 177 14.21 -0.73 -28.10
N ASP B 178 13.30 -1.08 -27.17
CA ASP B 178 13.54 -2.16 -26.22
C ASP B 178 12.75 -3.38 -26.67
N GLU B 179 13.46 -4.41 -27.14
CA GLU B 179 12.87 -5.68 -27.54
C GLU B 179 11.69 -5.52 -28.50
N PRO B 180 11.91 -4.96 -29.69
CA PRO B 180 10.80 -4.79 -30.63
C PRO B 180 10.25 -6.08 -31.18
N PHE B 181 11.00 -7.18 -31.14
CA PHE B 181 10.55 -8.45 -31.69
C PHE B 181 10.03 -9.42 -30.65
N ALA B 182 9.91 -8.99 -29.39
CA ALA B 182 9.42 -9.89 -28.35
C ALA B 182 7.95 -10.21 -28.55
N GLY B 183 7.62 -11.49 -28.51
CA GLY B 183 6.24 -11.92 -28.65
C GLY B 183 5.67 -11.71 -30.04
N VAL B 184 6.52 -11.64 -31.06
CA VAL B 184 6.12 -11.37 -32.43
C VAL B 184 6.28 -12.64 -33.25
N ASP B 185 5.20 -13.05 -33.91
CA ASP B 185 5.23 -14.23 -34.75
C ASP B 185 6.04 -13.94 -36.02
N PRO B 186 6.53 -14.97 -36.70
CA PRO B 186 7.32 -14.74 -37.92
C PRO B 186 6.60 -13.95 -39.00
N ILE B 187 5.27 -14.00 -39.03
CA ILE B 187 4.52 -13.28 -40.05
C ILE B 187 4.65 -11.76 -39.86
N SER B 188 4.65 -11.30 -38.60
CA SER B 188 4.71 -9.87 -38.33
C SER B 188 6.13 -9.34 -38.17
N VAL B 189 7.14 -10.21 -38.15
CA VAL B 189 8.52 -9.76 -38.08
C VAL B 189 8.87 -8.94 -39.32
N GLY B 190 8.35 -9.35 -40.48
CA GLY B 190 8.54 -8.56 -41.69
C GLY B 190 7.95 -7.17 -41.59
N ASP B 191 6.74 -7.06 -41.05
CA ASP B 191 6.12 -5.75 -40.88
C ASP B 191 6.91 -4.88 -39.91
N ILE B 192 7.38 -5.45 -38.81
CA ILE B 192 8.18 -4.69 -37.87
C ILE B 192 9.50 -4.23 -38.50
N LYS B 193 10.13 -5.11 -39.28
CA LYS B 193 11.35 -4.73 -39.98
C LYS B 193 11.09 -3.60 -40.95
N ASP B 194 9.95 -3.65 -41.66
CA ASP B 194 9.59 -2.58 -42.57
C ASP B 194 9.38 -1.27 -41.82
N ILE B 195 8.75 -1.34 -40.64
CA ILE B 195 8.55 -0.15 -39.83
C ILE B 195 9.90 0.45 -39.42
N ILE B 196 10.83 -0.41 -38.97
CA ILE B 196 12.12 0.08 -38.52
C ILE B 196 12.87 0.72 -39.70
N ARG B 197 12.75 0.11 -40.88
CA ARG B 197 13.40 0.68 -42.06
C ARG B 197 12.75 2.02 -42.43
N ASN B 198 11.45 2.16 -42.20
CA ASN B 198 10.81 3.45 -42.42
C ASN B 198 11.35 4.50 -41.46
N LEU B 199 11.54 4.16 -40.18
CA LEU B 199 12.18 5.09 -39.26
C LEU B 199 13.57 5.47 -39.74
N LYS B 200 14.34 4.49 -40.22
CA LYS B 200 15.65 4.79 -40.78
C LYS B 200 15.56 5.76 -41.94
N ASP B 201 14.62 5.52 -42.86
CA ASP B 201 14.45 6.40 -44.00
C ASP B 201 14.03 7.81 -43.58
N ARG B 202 13.34 7.92 -42.45
CA ARG B 202 12.95 9.22 -41.92
C ARG B 202 14.13 9.99 -41.32
N GLY B 203 15.32 9.42 -41.30
CA GLY B 203 16.48 10.08 -40.72
C GLY B 203 16.69 9.87 -39.25
N ILE B 204 15.98 8.92 -38.65
CA ILE B 204 16.07 8.66 -37.21
C ILE B 204 16.98 7.44 -37.00
N GLY B 205 18.08 7.65 -36.27
CA GLY B 205 18.96 6.53 -35.94
C GLY B 205 18.33 5.66 -34.87
N VAL B 206 18.24 4.36 -35.16
CA VAL B 206 17.54 3.41 -34.31
C VAL B 206 18.56 2.57 -33.57
N LEU B 207 18.49 2.57 -32.24
CA LEU B 207 19.29 1.70 -31.38
C LEU B 207 18.37 0.61 -30.84
N ILE B 208 18.53 -0.61 -31.35
CA ILE B 208 17.66 -1.72 -31.00
C ILE B 208 18.38 -2.59 -29.98
N THR B 209 17.68 -2.94 -28.90
CA THR B 209 18.15 -3.96 -27.99
C THR B 209 17.10 -5.07 -27.90
N ASP B 210 17.54 -6.31 -28.13
CA ASP B 210 16.60 -7.41 -28.20
C ASP B 210 17.33 -8.72 -27.96
N HIS B 211 16.57 -9.72 -27.50
CA HIS B 211 17.11 -11.07 -27.33
C HIS B 211 17.20 -11.79 -28.67
N ASN B 212 16.28 -11.53 -29.60
CA ASN B 212 16.23 -12.22 -30.88
C ASN B 212 17.36 -11.69 -31.75
N VAL B 213 18.54 -12.29 -31.61
CA VAL B 213 19.71 -11.83 -32.35
C VAL B 213 19.57 -12.09 -33.84
N ARG B 214 18.92 -13.21 -34.22
CA ARG B 214 18.86 -13.59 -35.63
C ARG B 214 18.17 -12.52 -36.46
N GLU B 215 17.01 -12.03 -36.00
CA GLU B 215 16.30 -11.02 -36.76
C GLU B 215 16.90 -9.62 -36.57
N THR B 216 17.54 -9.37 -35.42
CA THR B 216 18.15 -8.06 -35.20
C THR B 216 19.34 -7.85 -36.12
N LEU B 217 20.17 -8.88 -36.30
CA LEU B 217 21.33 -8.77 -37.18
C LEU B 217 20.93 -8.69 -38.65
N ALA B 218 19.68 -9.02 -38.99
CA ALA B 218 19.26 -8.98 -40.38
C ALA B 218 19.15 -7.55 -40.92
N ILE B 219 18.83 -6.60 -40.05
CA ILE B 219 18.62 -5.21 -40.48
C ILE B 219 19.68 -4.26 -39.95
N CYS B 220 20.24 -4.52 -38.78
CA CYS B 220 21.17 -3.57 -38.17
C CYS B 220 22.39 -3.38 -39.07
N GLU B 221 22.70 -2.12 -39.38
CA GLU B 221 23.89 -1.83 -40.16
C GLU B 221 25.16 -1.94 -39.34
N HIS B 222 25.07 -1.73 -38.03
CA HIS B 222 26.24 -1.87 -37.18
C HIS B 222 25.80 -2.47 -35.86
N ALA B 223 26.61 -3.37 -35.31
CA ALA B 223 26.23 -4.10 -34.11
C ALA B 223 27.37 -4.12 -33.11
N TYR B 224 27.02 -4.00 -31.83
CA TYR B 224 27.96 -4.13 -30.73
C TYR B 224 27.52 -5.28 -29.84
N ILE B 225 28.45 -6.18 -29.54
CA ILE B 225 28.20 -7.33 -28.67
C ILE B 225 28.85 -7.04 -27.33
N VAL B 226 28.07 -7.14 -26.26
CA VAL B 226 28.53 -6.87 -24.90
C VAL B 226 28.49 -8.17 -24.12
N SER B 227 29.65 -8.57 -23.60
CA SER B 227 29.76 -9.74 -22.76
C SER B 227 30.64 -9.40 -21.57
N GLU B 228 30.36 -10.03 -20.43
CA GLU B 228 31.10 -9.81 -19.19
C GLU B 228 31.13 -8.33 -18.83
N GLY B 229 30.12 -7.58 -19.25
CA GLY B 229 30.01 -6.17 -18.95
C GLY B 229 30.84 -5.25 -19.83
N ALA B 230 31.49 -5.78 -20.87
CA ALA B 230 32.31 -4.96 -21.74
C ALA B 230 32.06 -5.36 -23.20
N VAL B 231 32.32 -4.42 -24.10
CA VAL B 231 32.12 -4.66 -25.52
C VAL B 231 33.24 -5.57 -26.03
N ILE B 232 32.87 -6.72 -26.59
CA ILE B 232 33.84 -7.67 -27.10
C ILE B 232 33.92 -7.69 -28.62
N ALA B 233 32.92 -7.17 -29.32
CA ALA B 233 32.94 -7.18 -30.78
C ALA B 233 32.14 -6.01 -31.30
N GLU B 234 32.44 -5.62 -32.54
CA GLU B 234 31.75 -4.52 -33.20
C GLU B 234 32.00 -4.63 -34.70
N GLY B 235 31.09 -4.07 -35.48
CA GLY B 235 31.19 -4.07 -36.92
C GLY B 235 29.88 -4.48 -37.55
N SER B 236 29.94 -4.77 -38.85
CA SER B 236 28.76 -5.20 -39.58
C SER B 236 28.34 -6.58 -39.12
N PRO B 237 27.06 -6.96 -39.34
CA PRO B 237 26.62 -8.31 -38.90
C PRO B 237 27.48 -9.44 -39.44
N GLN B 238 27.96 -9.34 -40.67
CA GLN B 238 28.85 -10.37 -41.20
C GLN B 238 30.14 -10.43 -40.39
N ASP B 239 30.70 -9.27 -40.05
CA ASP B 239 31.91 -9.25 -39.22
C ASP B 239 31.64 -9.85 -37.86
N ILE B 240 30.46 -9.60 -37.29
CA ILE B 240 30.11 -10.18 -35.99
C ILE B 240 30.01 -11.69 -36.10
N LEU B 241 29.35 -12.18 -37.14
CA LEU B 241 29.21 -13.63 -37.31
C LEU B 241 30.57 -14.28 -37.53
N GLU B 242 31.49 -13.59 -38.20
CA GLU B 242 32.83 -14.14 -38.42
C GLU B 242 33.69 -14.10 -37.16
N ASN B 243 33.35 -13.24 -36.20
CA ASN B 243 34.16 -13.12 -34.99
C ASN B 243 34.17 -14.43 -34.22
N GLU B 244 35.35 -14.87 -33.81
CA GLU B 244 35.50 -16.14 -33.11
C GLU B 244 35.06 -16.06 -31.65
N GLN B 245 35.30 -14.92 -30.99
CA GLN B 245 34.97 -14.80 -29.57
C GLN B 245 33.46 -14.85 -29.34
N VAL B 246 32.68 -14.13 -30.15
CA VAL B 246 31.22 -14.18 -30.00
C VAL B 246 30.71 -15.58 -30.28
N ARG B 247 31.25 -16.25 -31.30
CA ARG B 247 30.87 -17.63 -31.56
C ARG B 247 31.16 -18.52 -30.35
N LYS B 248 32.32 -18.32 -29.72
CA LYS B 248 32.69 -19.15 -28.59
C LYS B 248 31.77 -18.91 -27.38
N VAL B 249 31.44 -17.65 -27.11
CA VAL B 249 30.74 -17.29 -25.88
C VAL B 249 29.25 -17.04 -26.08
N TYR B 250 28.86 -16.51 -27.24
CA TYR B 250 27.48 -16.04 -27.42
C TYR B 250 26.71 -16.82 -28.48
N LEU B 251 27.23 -16.91 -29.71
CA LEU B 251 26.45 -17.47 -30.81
C LEU B 251 26.61 -18.97 -31.00
N GLY B 252 27.67 -19.57 -30.49
CA GLY B 252 27.91 -20.99 -30.68
C GLY B 252 28.52 -21.29 -32.03
N ASP B 253 29.00 -22.52 -32.17
CA ASP B 253 29.70 -22.91 -33.39
C ASP B 253 28.80 -22.85 -34.61
N ASP B 254 27.52 -23.17 -34.43
CA ASP B 254 26.57 -23.04 -35.57
C ASP B 254 25.70 -21.79 -35.43
N PHE B 255 25.09 -21.32 -36.53
CA PHE B 255 24.15 -20.16 -36.47
C PHE B 255 23.55 -19.93 -37.86
N ILE C 2 10.28 -31.46 5.25
CA ILE C 2 11.12 -30.31 4.94
C ILE C 2 10.26 -29.12 4.55
N ILE C 3 9.23 -29.36 3.72
CA ILE C 3 8.33 -28.27 3.35
C ILE C 3 7.58 -27.77 4.58
N ARG C 4 7.29 -28.65 5.54
CA ARG C 4 6.66 -28.20 6.78
C ARG C 4 7.54 -27.20 7.51
N ARG C 5 8.85 -27.44 7.57
CA ARG C 5 9.79 -26.54 8.29
C ARG C 5 9.97 -25.26 7.51
N TYR C 6 9.89 -25.32 6.21
CA TYR C 6 9.94 -24.11 5.39
C TYR C 6 8.73 -23.23 5.66
N LEU C 7 7.53 -23.80 5.58
CA LEU C 7 6.34 -23.02 5.82
C LEU C 7 6.30 -22.49 7.24
N VAL C 8 6.70 -23.32 8.22
CA VAL C 8 6.65 -22.89 9.62
C VAL C 8 7.59 -21.72 9.85
N LYS C 9 8.81 -21.81 9.32
CA LYS C 9 9.77 -20.71 9.49
C LYS C 9 9.23 -19.44 8.84
N GLN C 10 8.74 -19.53 7.61
CA GLN C 10 8.24 -18.33 6.94
C GLN C 10 7.08 -17.71 7.70
N VAL C 11 6.13 -18.56 8.12
CA VAL C 11 4.93 -18.05 8.80
C VAL C 11 5.30 -17.44 10.14
N VAL C 12 6.17 -18.10 10.90
CA VAL C 12 6.56 -17.55 12.20
C VAL C 12 7.26 -16.21 12.03
N SER C 13 8.20 -16.13 11.09
CA SER C 13 8.93 -14.88 10.89
C SER C 13 7.98 -13.75 10.50
N THR C 14 7.17 -13.97 9.46
CA THR C 14 6.28 -12.92 8.98
C THR C 14 5.21 -12.57 10.01
N SER C 15 4.72 -13.58 10.75
CA SER C 15 3.70 -13.32 11.75
C SER C 15 4.25 -12.54 12.93
N LEU C 16 5.50 -12.83 13.33
CA LEU C 16 6.11 -12.04 14.39
C LEU C 16 6.33 -10.60 13.93
N VAL C 17 6.75 -10.42 12.68
CA VAL C 17 6.92 -9.07 12.15
C VAL C 17 5.58 -8.32 12.17
N VAL C 18 4.52 -8.99 11.71
CA VAL C 18 3.22 -8.34 11.64
C VAL C 18 2.68 -8.06 13.04
N ILE C 19 2.90 -8.98 13.98
CA ILE C 19 2.44 -8.76 15.34
C ILE C 19 3.15 -7.58 15.97
N ALA C 20 4.48 -7.50 15.79
CA ALA C 20 5.22 -6.36 16.31
C ALA C 20 4.73 -5.06 15.69
N LEU C 21 4.50 -5.06 14.38
CA LEU C 21 4.09 -3.85 13.69
C LEU C 21 2.70 -3.40 14.13
N LEU C 22 1.76 -4.33 14.26
CA LEU C 22 0.41 -3.97 14.68
C LEU C 22 0.39 -3.54 16.15
N THR C 23 1.17 -4.20 17.00
CA THR C 23 1.32 -3.75 18.38
C THR C 23 1.83 -2.32 18.41
N LEU C 24 2.90 -2.04 17.65
CA LEU C 24 3.42 -0.68 17.58
C LEU C 24 2.33 0.30 17.17
N ILE C 25 1.63 0.01 16.07
CA ILE C 25 0.59 0.92 15.59
C ILE C 25 -0.45 1.19 16.67
N MET C 26 -1.12 0.12 17.14
CA MET C 26 -2.27 0.28 18.02
C MET C 26 -1.86 0.94 19.34
N MET C 27 -0.85 0.40 20.01
CA MET C 27 -0.54 0.97 21.31
C MET C 27 0.29 2.24 21.21
N GLY C 28 0.87 2.58 20.05
CA GLY C 28 1.36 3.93 19.85
C GLY C 28 0.23 4.92 19.76
N GLY C 29 -0.87 4.53 19.08
CA GLY C 29 -2.05 5.38 19.08
C GLY C 29 -2.60 5.59 20.49
N ARG C 30 -2.71 4.50 21.25
CA ARG C 30 -3.21 4.62 22.62
C ARG C 30 -2.23 5.39 23.50
N LEU C 31 -0.93 5.20 23.30
CA LEU C 31 0.08 5.95 24.05
C LEU C 31 -0.02 7.43 23.75
N ILE C 32 -0.29 7.79 22.50
CA ILE C 32 -0.43 9.19 22.14
C ILE C 32 -1.69 9.78 22.78
N LYS C 33 -2.79 9.02 22.79
CA LYS C 33 -3.99 9.51 23.46
C LYS C 33 -3.74 9.72 24.95
N TYR C 34 -3.05 8.77 25.59
CA TYR C 34 -2.74 8.90 27.00
C TYR C 34 -1.81 10.08 27.25
N PHE C 35 -0.85 10.30 26.36
CA PHE C 35 0.04 11.45 26.49
C PHE C 35 -0.74 12.76 26.38
N GLY C 36 -1.71 12.82 25.45
CA GLY C 36 -2.56 14.00 25.38
C GLY C 36 -3.37 14.22 26.63
N VAL C 37 -3.91 13.15 27.20
CA VAL C 37 -4.67 13.28 28.44
C VAL C 37 -3.75 13.81 29.54
N ALA C 38 -2.54 13.27 29.63
CA ALA C 38 -1.60 13.79 30.63
C ALA C 38 -1.30 15.25 30.34
N ALA C 39 -1.21 15.62 29.06
CA ALA C 39 -0.98 17.00 28.66
C ALA C 39 -2.09 17.91 29.15
N GLN C 40 -3.27 17.35 29.41
CA GLN C 40 -4.37 18.14 29.96
C GLN C 40 -4.42 18.09 31.48
N GLY C 41 -3.45 17.41 32.11
CA GLY C 41 -3.35 17.31 33.55
C GLY C 41 -4.24 16.27 34.18
N ARG C 42 -4.93 15.45 33.39
CA ARG C 42 -5.88 14.47 33.90
C ARG C 42 -5.22 13.15 34.29
N LEU C 43 -3.93 12.98 34.00
CA LEU C 43 -3.25 11.72 34.24
C LEU C 43 -1.77 11.98 34.42
N ASP C 44 -1.14 11.18 35.28
CA ASP C 44 0.29 11.30 35.52
C ASP C 44 1.07 10.74 34.33
N ALA C 45 1.87 11.60 33.70
CA ALA C 45 2.63 11.17 32.52
C ALA C 45 3.64 10.08 32.85
N GLY C 46 4.01 9.92 34.13
CA GLY C 46 4.99 8.92 34.50
C GLY C 46 4.45 7.51 34.57
N VAL C 47 3.14 7.36 34.79
CA VAL C 47 2.55 6.04 34.98
C VAL C 47 1.92 5.47 33.72
N LEU C 48 1.73 6.29 32.67
CA LEU C 48 1.09 5.80 31.45
C LEU C 48 1.87 4.67 30.81
N PHE C 49 3.18 4.61 31.02
CA PHE C 49 3.95 3.46 30.54
C PHE C 49 3.51 2.19 31.27
N SER C 50 3.23 2.29 32.56
CA SER C 50 2.67 1.16 33.29
C SER C 50 1.31 0.77 32.73
N ILE C 51 0.50 1.76 32.33
CA ILE C 51 -0.79 1.46 31.73
C ILE C 51 -0.62 0.67 30.44
N ILE C 52 0.33 1.08 29.60
CA ILE C 52 0.58 0.36 28.37
C ILE C 52 1.07 -1.05 28.66
N GLY C 53 1.98 -1.20 29.63
CA GLY C 53 2.47 -2.52 29.99
C GLY C 53 1.37 -3.43 30.51
N TYR C 54 0.45 -2.89 31.30
CA TYR C 54 -0.64 -3.70 31.83
C TYR C 54 -1.68 -4.04 30.76
N ARG C 55 -1.89 -3.15 29.80
CA ARG C 55 -2.84 -3.43 28.72
C ARG C 55 -2.23 -4.25 27.58
N MET C 56 -0.91 -4.46 27.58
CA MET C 56 -0.24 -5.39 26.66
C MET C 56 -1.07 -6.65 26.37
N PRO C 57 -1.43 -7.45 27.37
CA PRO C 57 -2.13 -8.71 27.05
C PRO C 57 -3.45 -8.49 26.34
N GLU C 58 -4.18 -7.42 26.67
CA GLU C 58 -5.51 -7.25 26.11
C GLU C 58 -5.44 -6.85 24.64
N PHE C 59 -4.42 -6.09 24.24
CA PHE C 59 -4.25 -5.78 22.83
C PHE C 59 -3.64 -6.95 22.08
N LEU C 60 -2.76 -7.71 22.74
CA LEU C 60 -2.20 -8.90 22.11
C LEU C 60 -3.29 -9.93 21.84
N THR C 61 -4.31 -9.98 22.70
CA THR C 61 -5.45 -10.88 22.47
C THR C 61 -6.04 -10.68 21.09
N LEU C 62 -6.10 -9.45 20.62
CA LEU C 62 -6.61 -9.15 19.29
C LEU C 62 -5.54 -9.29 18.22
N ILE C 63 -4.32 -8.83 18.52
CA ILE C 63 -3.28 -8.76 17.50
C ILE C 63 -2.81 -10.14 17.09
N LEU C 64 -2.67 -11.06 18.05
CA LEU C 64 -2.11 -12.38 17.73
C LEU C 64 -2.96 -13.16 16.73
N PRO C 65 -4.28 -13.28 16.86
CA PRO C 65 -5.05 -13.91 15.78
C PRO C 65 -4.92 -13.15 14.46
N LEU C 66 -5.10 -11.83 14.49
CA LEU C 66 -4.99 -11.04 13.27
C LEU C 66 -3.58 -11.12 12.69
N GLY C 67 -2.56 -11.08 13.56
CA GLY C 67 -1.20 -11.20 13.08
C GLY C 67 -0.92 -12.54 12.43
N PHE C 68 -1.39 -13.63 13.05
CA PHE C 68 -1.22 -14.95 12.45
C PHE C 68 -1.95 -15.05 11.12
N PHE C 69 -3.17 -14.50 11.05
CA PHE C 69 -3.93 -14.52 9.81
C PHE C 69 -3.20 -13.77 8.70
N ILE C 70 -2.71 -12.57 9.01
CA ILE C 70 -2.02 -11.77 8.00
C ILE C 70 -0.72 -12.44 7.59
N GLY C 71 -0.03 -13.07 8.54
CA GLY C 71 1.19 -13.78 8.19
C GLY C 71 0.94 -14.95 7.26
N LEU C 72 -0.12 -15.72 7.52
CA LEU C 72 -0.48 -16.82 6.64
C LEU C 72 -0.84 -16.31 5.25
N MET C 73 -1.64 -15.24 5.19
CA MET C 73 -2.01 -14.67 3.90
C MET C 73 -0.77 -14.23 3.13
N LEU C 74 0.16 -13.55 3.80
CA LEU C 74 1.37 -13.08 3.14
C LEU C 74 2.22 -14.25 2.64
N VAL C 75 2.38 -15.29 3.47
CA VAL C 75 3.21 -16.42 3.07
C VAL C 75 2.62 -17.11 1.84
N PHE C 76 1.32 -17.38 1.86
CA PHE C 76 0.73 -18.07 0.73
C PHE C 76 0.66 -17.18 -0.50
N GLY C 77 0.47 -15.87 -0.32
CA GLY C 77 0.55 -14.97 -1.45
C GLY C 77 1.91 -14.94 -2.08
N ARG C 78 2.97 -14.97 -1.26
CA ARG C 78 4.32 -15.06 -1.80
C ARG C 78 4.53 -16.37 -2.53
N LEU C 79 4.03 -17.47 -1.97
CA LEU C 79 4.15 -18.75 -2.64
C LEU C 79 3.50 -18.73 -4.01
N TYR C 80 2.30 -18.15 -4.10
CA TYR C 80 1.64 -18.02 -5.40
C TYR C 80 2.42 -17.11 -6.35
N VAL C 81 2.92 -15.97 -5.84
CA VAL C 81 3.56 -14.98 -6.70
C VAL C 81 4.85 -15.52 -7.29
N ASP C 82 5.65 -16.22 -6.49
CA ASP C 82 6.95 -16.71 -6.93
C ASP C 82 6.86 -18.07 -7.60
N HIS C 83 5.66 -18.49 -7.99
CA HIS C 83 5.41 -19.74 -8.71
C HIS C 83 5.79 -20.97 -7.90
N GLU C 84 6.14 -20.81 -6.63
CA GLU C 84 6.44 -21.97 -5.79
C GLU C 84 5.18 -22.80 -5.57
N MET C 85 4.03 -22.15 -5.42
CA MET C 85 2.78 -22.88 -5.27
C MET C 85 2.48 -23.70 -6.51
N ALA C 86 2.83 -23.19 -7.69
CA ALA C 86 2.60 -23.94 -8.92
C ALA C 86 3.37 -25.24 -8.93
N VAL C 87 4.66 -25.20 -8.58
CA VAL C 87 5.47 -26.42 -8.58
C VAL C 87 5.04 -27.35 -7.45
N LEU C 88 4.65 -26.78 -6.29
CA LEU C 88 4.16 -27.63 -5.22
C LEU C 88 2.91 -28.39 -5.65
N ASN C 89 1.99 -27.70 -6.34
CA ASN C 89 0.81 -28.38 -6.86
C ASN C 89 1.22 -29.42 -7.91
N GLY C 90 2.14 -29.06 -8.79
CA GLY C 90 2.63 -29.97 -9.82
C GLY C 90 3.43 -31.14 -9.29
N SER C 91 3.83 -31.11 -8.03
CA SER C 91 4.51 -32.23 -7.39
C SER C 91 3.55 -33.09 -6.58
N GLY C 92 2.26 -32.76 -6.57
CA GLY C 92 1.27 -33.52 -5.84
C GLY C 92 0.92 -32.99 -4.46
N ILE C 93 1.39 -31.80 -4.11
CA ILE C 93 1.12 -31.18 -2.82
C ILE C 93 0.14 -30.05 -3.04
N SER C 94 -1.05 -30.16 -2.46
CA SER C 94 -2.11 -29.20 -2.69
C SER C 94 -2.03 -28.05 -1.68
N ARG C 95 -2.83 -27.02 -1.93
CA ARG C 95 -2.92 -25.91 -1.00
C ARG C 95 -3.48 -26.35 0.34
N ILE C 96 -4.51 -27.20 0.33
CA ILE C 96 -5.10 -27.67 1.57
C ILE C 96 -4.10 -28.52 2.34
N ARG C 97 -3.27 -29.29 1.63
CA ARG C 97 -2.23 -30.06 2.30
C ARG C 97 -1.23 -29.15 3.00
N LEU C 98 -0.84 -28.05 2.35
CA LEU C 98 0.06 -27.10 2.97
C LEU C 98 -0.59 -26.43 4.18
N GLY C 99 -1.88 -26.14 4.10
CA GLY C 99 -2.59 -25.61 5.25
C GLY C 99 -2.61 -26.59 6.41
N GLN C 100 -2.84 -27.87 6.11
CA GLN C 100 -2.85 -28.89 7.16
C GLN C 100 -1.47 -29.07 7.77
N LEU C 101 -0.41 -28.92 6.98
CA LEU C 101 0.94 -29.06 7.52
C LEU C 101 1.25 -28.03 8.61
N LEU C 102 0.49 -26.94 8.66
CA LEU C 102 0.70 -25.89 9.65
C LEU C 102 -0.15 -26.07 10.91
N ILE C 103 -0.87 -27.19 11.02
CA ILE C 103 -1.74 -27.40 12.18
C ILE C 103 -0.98 -27.36 13.50
N PRO C 104 0.20 -27.97 13.65
CA PRO C 104 0.92 -27.83 14.93
C PRO C 104 1.21 -26.39 15.31
N LEU C 105 1.58 -25.55 14.34
CA LEU C 105 1.81 -24.14 14.63
C LEU C 105 0.52 -23.47 15.08
N ALA C 106 -0.60 -23.80 14.44
CA ALA C 106 -1.88 -23.23 14.85
C ALA C 106 -2.24 -23.65 16.27
N LEU C 107 -1.96 -24.89 16.63
CA LEU C 107 -2.19 -25.34 18.00
C LEU C 107 -1.30 -24.60 18.99
N VAL C 108 -0.04 -24.36 18.62
CA VAL C 108 0.86 -23.62 19.51
C VAL C 108 0.34 -22.20 19.72
N PHE C 109 -0.08 -21.54 18.65
CA PHE C 109 -0.64 -20.19 18.79
C PHE C 109 -1.93 -20.20 19.57
N LEU C 110 -2.75 -21.24 19.40
CA LEU C 110 -3.98 -21.37 20.18
C LEU C 110 -3.66 -21.50 21.67
N VAL C 111 -2.65 -22.28 22.01
CA VAL C 111 -2.25 -22.42 23.41
C VAL C 111 -1.76 -21.08 23.95
N ILE C 112 -0.96 -20.36 23.16
CA ILE C 112 -0.47 -19.06 23.61
C ILE C 112 -1.63 -18.10 23.86
N GLN C 113 -2.59 -18.05 22.94
CA GLN C 113 -3.71 -17.13 23.12
C GLN C 113 -4.60 -17.57 24.27
N GLY C 114 -4.71 -18.88 24.51
CA GLY C 114 -5.45 -19.33 25.68
C GLY C 114 -4.78 -18.89 26.97
N ILE C 115 -3.45 -18.93 27.00
CA ILE C 115 -2.71 -18.42 28.16
C ILE C 115 -2.99 -16.94 28.34
N LEU C 116 -2.97 -16.17 27.26
CA LEU C 116 -3.26 -14.75 27.35
C LEU C 116 -4.69 -14.50 27.83
N MET C 117 -5.65 -15.30 27.34
CA MET C 117 -7.06 -15.05 27.60
C MET C 117 -7.45 -15.44 29.01
N LEU C 118 -6.91 -16.54 29.53
CA LEU C 118 -7.38 -17.08 30.79
C LEU C 118 -6.64 -16.54 31.99
N TRP C 119 -5.35 -16.20 31.84
CA TRP C 119 -4.57 -15.70 32.95
C TRP C 119 -4.06 -14.29 32.75
N MET C 120 -3.37 -14.01 31.64
CA MET C 120 -2.68 -12.74 31.50
C MET C 120 -3.65 -11.57 31.34
N THR C 121 -4.70 -11.73 30.53
CA THR C 121 -5.64 -10.63 30.32
C THR C 121 -6.38 -10.23 31.59
N PRO C 122 -6.98 -11.13 32.38
CA PRO C 122 -7.60 -10.69 33.63
C PRO C 122 -6.62 -10.01 34.58
N TRP C 123 -5.40 -10.53 34.68
CA TRP C 123 -4.40 -9.92 35.55
C TRP C 123 -4.07 -8.51 35.10
N GLY C 124 -3.84 -8.34 33.79
CA GLY C 124 -3.54 -7.02 33.27
C GLY C 124 -4.67 -6.04 33.49
N LEU C 125 -5.92 -6.49 33.31
CA LEU C 125 -7.03 -5.57 33.44
C LEU C 125 -7.39 -5.31 34.90
N ARG C 126 -7.00 -6.21 35.80
CA ARG C 126 -7.11 -5.93 37.23
C ARG C 126 -6.12 -4.86 37.64
N GLN C 127 -4.85 -5.02 37.24
CA GLN C 127 -3.86 -4.02 37.59
C GLN C 127 -4.22 -2.68 36.96
N PHE C 128 -4.68 -2.68 35.70
CA PHE C 128 -5.05 -1.44 35.04
C PHE C 128 -6.23 -0.77 35.74
N ASP C 129 -7.24 -1.55 36.15
CA ASP C 129 -8.37 -0.95 36.85
C ASP C 129 -7.94 -0.34 38.19
N GLN C 130 -7.08 -1.06 38.93
CA GLN C 130 -6.61 -0.52 40.19
C GLN C 130 -5.82 0.77 39.98
N LEU C 131 -4.94 0.79 38.98
CA LEU C 131 -4.14 1.98 38.73
C LEU C 131 -5.01 3.14 38.28
N SER C 132 -6.02 2.87 37.45
CA SER C 132 -6.92 3.92 37.00
C SER C 132 -7.74 4.48 38.16
N SER C 133 -8.20 3.61 39.06
CA SER C 133 -8.89 4.08 40.25
C SER C 133 -7.98 4.96 41.11
N SER C 134 -6.70 4.57 41.22
CA SER C 134 -5.74 5.41 41.95
C SER C 134 -5.55 6.76 41.27
N GLN C 135 -5.52 6.78 39.94
CA GLN C 135 -5.28 8.02 39.21
C GLN C 135 -6.53 8.89 39.07
N ALA C 136 -7.72 8.35 39.31
CA ALA C 136 -8.94 9.09 39.06
C ALA C 136 -9.32 10.03 40.19
N VAL C 137 -8.61 9.98 41.32
CA VAL C 137 -8.96 10.82 42.47
C VAL C 137 -8.24 12.14 42.40
N ARG C 138 -7.57 12.41 41.27
CA ARG C 138 -6.87 13.68 41.09
C ARG C 138 -7.84 14.85 41.19
N THR C 139 -7.42 15.89 41.89
CA THR C 139 -8.24 17.08 42.08
C THR C 139 -7.34 18.24 42.44
N GLY C 140 -7.90 19.45 42.36
CA GLY C 140 -7.14 20.63 42.73
C GLY C 140 -5.95 20.86 41.81
N PHE C 141 -4.79 21.09 42.43
CA PHE C 141 -3.60 21.46 41.67
C PHE C 141 -3.15 20.36 40.72
N ASP C 142 -3.60 19.12 40.93
CA ASP C 142 -3.26 18.07 39.99
C ASP C 142 -3.83 18.35 38.60
N LEU C 143 -5.01 18.97 38.54
CA LEU C 143 -5.69 19.27 37.29
C LEU C 143 -5.44 20.69 36.78
N VAL C 144 -4.53 21.44 37.40
CA VAL C 144 -4.33 22.83 37.02
C VAL C 144 -3.79 22.90 35.59
N ARG C 145 -4.26 23.90 34.84
CA ARG C 145 -3.79 24.16 33.50
C ARG C 145 -3.37 25.62 33.39
N PRO C 146 -2.36 25.91 32.56
CA PRO C 146 -1.89 27.31 32.47
C PRO C 146 -2.88 28.19 31.73
N LYS C 147 -3.03 29.41 32.25
CA LYS C 147 -3.88 30.44 31.63
C LYS C 147 -5.32 29.96 31.45
N GLU C 148 -5.80 29.15 32.40
CA GLU C 148 -7.17 28.67 32.36
C GLU C 148 -7.69 28.53 33.78
N PHE C 149 -9.01 28.53 33.89
CA PHE C 149 -9.70 28.32 35.17
C PHE C 149 -10.13 26.86 35.26
N ILE C 150 -9.68 26.17 36.29
CA ILE C 150 -10.01 24.76 36.50
C ILE C 150 -10.81 24.65 37.79
N SER C 151 -12.00 24.07 37.70
CA SER C 151 -12.89 23.95 38.83
C SER C 151 -13.09 22.48 39.18
N SER C 152 -12.85 22.14 40.44
CA SER C 152 -13.10 20.80 40.95
C SER C 152 -13.61 20.93 42.38
N GLY C 153 -14.75 20.30 42.65
CA GLY C 153 -15.39 20.42 43.94
C GLY C 153 -15.68 21.88 44.25
N PRO C 154 -15.47 22.28 45.50
CA PRO C 154 -15.60 23.70 45.84
C PRO C 154 -14.39 24.55 45.50
N TYR C 155 -13.37 23.98 44.85
CA TYR C 155 -12.12 24.67 44.58
C TYR C 155 -12.05 25.11 43.12
N THR C 156 -11.45 26.28 42.88
CA THR C 156 -11.15 26.74 41.54
C THR C 156 -9.75 27.35 41.54
N ILE C 157 -8.98 27.03 40.51
CA ILE C 157 -7.57 27.38 40.43
C ILE C 157 -7.27 27.99 39.07
N TYR C 158 -6.42 29.01 39.06
CA TYR C 158 -5.90 29.62 37.83
C TYR C 158 -4.39 29.79 37.99
N ALA C 159 -3.65 29.41 36.96
CA ALA C 159 -2.19 29.50 36.97
C ALA C 159 -1.72 30.11 35.66
N GLY C 160 -0.71 30.98 35.76
CA GLY C 160 -0.21 31.66 34.58
C GLY C 160 0.88 30.93 33.83
N ASP C 161 1.54 29.98 34.48
CA ASP C 161 2.64 29.26 33.83
C ASP C 161 2.80 27.92 34.54
N LEU C 162 3.40 26.97 33.83
CA LEU C 162 3.66 25.65 34.38
C LEU C 162 4.82 25.03 33.60
N SER C 163 5.80 24.50 34.34
CA SER C 163 7.01 23.97 33.73
C SER C 163 6.72 22.69 32.95
N GLU C 164 7.77 22.12 32.37
CA GLU C 164 7.62 20.86 31.64
C GLU C 164 7.10 19.78 32.57
N ASP C 165 7.67 19.68 33.77
CA ASP C 165 7.08 18.90 34.83
C ASP C 165 5.98 19.70 35.52
N ARG C 166 4.98 19.00 36.05
CA ARG C 166 3.82 19.67 36.64
C ARG C 166 4.15 20.21 38.03
N LYS C 167 5.09 21.16 38.05
CA LYS C 167 5.54 21.82 39.28
C LYS C 167 5.75 23.30 38.97
N ASN C 168 6.14 24.05 40.01
CA ASN C 168 6.58 25.44 39.88
C ASN C 168 5.55 26.28 39.12
N LEU C 169 4.37 26.42 39.71
CA LEU C 169 3.34 27.27 39.13
C LEU C 169 3.68 28.75 39.32
N LYS C 170 3.02 29.60 38.54
CA LYS C 170 3.17 31.03 38.64
C LYS C 170 1.80 31.69 38.47
N ASP C 171 1.64 32.85 39.11
CA ASP C 171 0.40 33.63 39.05
C ASP C 171 -0.80 32.78 39.46
N ILE C 172 -0.76 32.33 40.71
CA ILE C 172 -1.76 31.41 41.23
C ILE C 172 -2.90 32.19 41.86
N PHE C 173 -4.13 31.85 41.46
CA PHE C 173 -5.36 32.38 42.03
C PHE C 173 -6.23 31.20 42.43
N PHE C 174 -6.72 31.22 43.67
CA PHE C 174 -7.42 30.08 44.24
C PHE C 174 -8.67 30.59 44.95
N TYR C 175 -9.81 29.97 44.64
CA TYR C 175 -11.10 30.39 45.19
C TYR C 175 -11.85 29.18 45.73
N GLN C 176 -12.48 29.37 46.88
CA GLN C 176 -13.32 28.35 47.50
C GLN C 176 -14.77 28.45 47.03
N ASP C 185 -15.69 31.46 49.39
CA ASP C 185 -15.48 32.22 50.61
C ASP C 185 -14.02 32.65 50.74
N VAL C 186 -13.14 31.69 50.97
CA VAL C 186 -11.72 31.95 51.08
C VAL C 186 -11.14 32.23 49.70
N MET C 187 -10.25 33.22 49.62
CA MET C 187 -9.54 33.52 48.40
C MET C 187 -8.05 33.61 48.70
N ILE C 188 -7.23 33.11 47.77
CA ILE C 188 -5.79 33.13 47.92
C ILE C 188 -5.16 33.55 46.60
N LEU C 189 -4.17 34.43 46.69
CA LEU C 189 -3.34 34.76 45.54
C LEU C 189 -1.90 34.45 45.90
N ALA C 190 -1.09 34.13 44.89
CA ALA C 190 0.30 33.79 45.15
C ALA C 190 1.14 34.05 43.91
N LYS C 191 2.29 34.69 44.10
CA LYS C 191 3.20 34.91 42.98
C LYS C 191 3.78 33.60 42.46
N GLU C 192 4.11 32.68 43.37
CA GLU C 192 4.64 31.38 42.95
C GLU C 192 4.03 30.28 43.80
N ALA C 193 4.05 29.06 43.27
CA ALA C 193 3.60 27.89 44.01
C ALA C 193 4.31 26.66 43.47
N THR C 194 4.34 25.62 44.29
CA THR C 194 4.96 24.36 43.91
C THR C 194 4.29 23.21 44.65
N ARG C 195 3.88 22.19 43.92
CA ARG C 195 3.19 21.06 44.49
C ARG C 195 4.16 19.98 44.95
N ASN C 204 -1.46 16.92 48.22
CA ASN C 204 -2.17 18.18 48.41
C ASN C 204 -1.29 19.20 49.11
N VAL C 205 -0.11 18.76 49.54
CA VAL C 205 0.84 19.65 50.21
C VAL C 205 1.49 20.56 49.17
N VAL C 206 1.00 21.79 49.08
CA VAL C 206 1.43 22.75 48.06
C VAL C 206 2.00 23.97 48.77
N ASP C 207 3.23 24.33 48.41
CA ASP C 207 3.87 25.53 48.93
C ASP C 207 3.48 26.72 48.08
N LEU C 208 3.21 27.84 48.74
CA LEU C 208 2.89 29.10 48.07
C LEU C 208 3.86 30.17 48.55
N ILE C 209 4.42 30.93 47.61
CA ILE C 209 5.46 31.91 47.88
C ILE C 209 4.99 33.27 47.36
N GLN C 210 5.13 34.29 48.22
CA GLN C 210 4.70 35.66 47.93
C GLN C 210 3.20 35.71 47.65
N GLY C 211 2.41 35.41 48.71
CA GLY C 211 0.99 35.28 48.57
C GLY C 211 0.20 36.03 49.63
N ARG C 212 -1.09 36.15 49.36
CA ARG C 212 -2.04 36.93 50.14
C ARG C 212 -3.31 36.11 50.29
N ARG C 213 -3.98 36.28 51.43
CA ARG C 213 -5.19 35.52 51.74
C ARG C 213 -6.29 36.46 52.19
N TYR C 214 -7.51 36.19 51.75
CA TYR C 214 -8.65 37.05 52.03
C TYR C 214 -9.87 36.20 52.33
N GLU C 215 -10.74 36.71 53.19
CA GLU C 215 -11.95 36.02 53.62
C GLU C 215 -13.16 36.87 53.27
N ILE C 216 -14.14 36.25 52.62
CA ILE C 216 -15.36 36.94 52.21
C ILE C 216 -16.54 35.99 52.39
N TYR C 223 -14.89 40.17 56.87
CA TYR C 223 -13.71 40.69 56.18
C TYR C 223 -12.43 40.40 56.98
N SER C 224 -11.57 39.55 56.42
CA SER C 224 -10.29 39.23 57.01
C SER C 224 -9.22 39.20 55.92
N GLN C 225 -8.02 39.66 56.27
CA GLN C 225 -6.93 39.74 55.31
C GLN C 225 -5.65 39.28 55.98
N ALA C 226 -4.75 38.69 55.19
CA ALA C 226 -3.48 38.21 55.71
C ALA C 226 -2.48 38.11 54.58
N GLU C 227 -1.20 38.07 54.96
CA GLU C 227 -0.08 38.05 54.02
C GLU C 227 0.85 36.91 54.43
N PHE C 228 1.56 36.36 53.45
CA PHE C 228 2.55 35.33 53.76
C PHE C 228 3.61 35.28 52.68
N GLN C 229 4.87 35.22 53.11
CA GLN C 229 5.96 34.95 52.19
C GLN C 229 6.04 33.47 51.83
N ARG C 230 5.65 32.59 52.76
CA ARG C 230 5.59 31.15 52.53
C ARG C 230 4.40 30.57 53.27
N TYR C 231 3.66 29.70 52.60
CA TYR C 231 2.48 29.08 53.19
C TYR C 231 2.31 27.69 52.59
N ARG C 232 1.52 26.86 53.28
CA ARG C 232 1.27 25.50 52.82
C ARG C 232 -0.22 25.23 52.81
N LEU C 233 -0.72 24.70 51.70
CA LEU C 233 -2.11 24.28 51.58
C LEU C 233 -2.25 22.80 51.89
N ARG C 234 -3.48 22.40 52.20
CA ARG C 234 -3.75 21.02 52.57
C ARG C 234 -5.03 20.48 51.95
N LEU C 235 -5.63 21.19 51.01
CA LEU C 235 -6.87 20.76 50.37
C LEU C 235 -6.72 19.39 49.72
N LYS C 247 -14.87 -4.86 35.95
CA LYS C 247 -15.14 -5.70 37.11
C LYS C 247 -15.04 -7.18 36.73
N VAL C 248 -16.03 -7.66 35.98
CA VAL C 248 -16.04 -9.06 35.57
C VAL C 248 -14.88 -9.35 34.62
N GLU C 249 -14.56 -8.39 33.74
CA GLU C 249 -13.49 -8.58 32.77
C GLU C 249 -12.14 -8.84 33.43
N ALA C 250 -11.97 -8.43 34.69
CA ALA C 250 -10.71 -8.59 35.41
C ALA C 250 -10.74 -9.74 36.41
N LEU C 251 -11.90 -10.31 36.68
CA LEU C 251 -11.97 -11.39 37.65
C LEU C 251 -11.20 -12.62 37.16
N PRO C 252 -10.47 -13.29 38.04
CA PRO C 252 -9.73 -14.48 37.63
C PRO C 252 -10.63 -15.61 37.15
N SER C 253 -10.10 -16.44 36.26
CA SER C 253 -10.81 -17.63 35.82
C SER C 253 -11.15 -18.56 36.97
N SER C 254 -10.39 -18.48 38.07
CA SER C 254 -10.62 -19.33 39.23
C SER C 254 -12.03 -19.12 39.79
N LYS C 255 -12.46 -17.87 39.90
CA LYS C 255 -13.81 -17.60 40.37
C LYS C 255 -14.85 -17.92 39.30
N LEU C 256 -14.56 -17.61 38.03
CA LEU C 256 -15.54 -17.73 36.95
C LEU C 256 -15.75 -19.12 36.35
N TRP C 257 -14.91 -20.13 36.64
CA TRP C 257 -15.09 -21.40 35.94
C TRP C 257 -16.46 -22.00 36.21
N ASN C 258 -17.01 -21.76 37.39
CA ASN C 258 -18.37 -22.12 37.75
C ASN C 258 -19.21 -20.86 37.82
N LYS C 259 -20.45 -20.98 38.33
CA LYS C 259 -21.42 -19.90 38.37
C LYS C 259 -21.88 -19.53 36.96
N TRP C 260 -21.99 -20.55 36.10
CA TRP C 260 -22.49 -20.36 34.74
C TRP C 260 -23.93 -19.86 34.71
N ASN C 261 -24.68 -19.99 35.80
CA ASN C 261 -26.07 -19.58 35.81
C ASN C 261 -26.22 -18.07 35.60
N ASP C 262 -25.24 -17.29 36.03
CA ASP C 262 -25.31 -15.84 35.88
C ASP C 262 -24.93 -15.49 34.45
N PRO C 263 -25.79 -14.77 33.72
CA PRO C 263 -25.48 -14.47 32.31
C PRO C 263 -24.18 -13.70 32.10
N VAL C 264 -23.80 -12.81 33.00
CA VAL C 264 -22.56 -12.04 32.79
C VAL C 264 -21.34 -12.95 32.88
N ILE C 265 -21.27 -13.76 33.94
CA ILE C 265 -20.17 -14.71 34.06
C ILE C 265 -20.22 -15.75 32.95
N ALA C 266 -21.42 -16.17 32.56
CA ALA C 266 -21.54 -17.09 31.44
C ALA C 266 -20.94 -16.50 30.18
N SER C 267 -21.27 -15.24 29.89
CA SER C 267 -20.75 -14.57 28.70
C SER C 267 -19.24 -14.45 28.76
N GLU C 268 -18.71 -13.99 29.89
CA GLU C 268 -17.26 -13.81 29.99
C GLU C 268 -16.56 -15.15 29.83
N MET C 269 -16.94 -16.15 30.63
CA MET C 269 -16.23 -17.41 30.61
C MET C 269 -16.31 -18.06 29.25
N GLY C 270 -17.47 -17.94 28.58
CA GLY C 270 -17.58 -18.41 27.21
C GLY C 270 -16.67 -17.68 26.25
N TRP C 271 -16.46 -16.37 26.48
CA TRP C 271 -15.60 -15.59 25.61
C TRP C 271 -14.13 -15.92 25.84
N ARG C 272 -13.78 -16.33 27.05
CA ARG C 272 -12.43 -16.81 27.31
C ARG C 272 -12.22 -18.22 26.76
N VAL C 273 -13.21 -19.09 26.90
CA VAL C 273 -13.06 -20.48 26.48
C VAL C 273 -13.04 -20.59 24.96
N PHE C 274 -13.88 -19.82 24.27
CA PHE C 274 -14.11 -20.02 22.85
C PHE C 274 -13.37 -19.01 21.97
N GLY C 275 -12.69 -18.05 22.57
CA GLY C 275 -11.84 -17.14 21.82
C GLY C 275 -10.60 -17.75 21.19
N PRO C 276 -9.89 -18.65 21.90
CA PRO C 276 -8.65 -19.20 21.34
C PRO C 276 -8.82 -19.88 19.99
N PHE C 277 -10.00 -20.48 19.73
CA PHE C 277 -10.21 -21.16 18.45
C PHE C 277 -10.28 -20.20 17.27
N THR C 278 -10.26 -18.90 17.51
CA THR C 278 -10.07 -17.95 16.43
C THR C 278 -8.74 -18.16 15.72
N ILE C 279 -7.75 -18.77 16.38
CA ILE C 279 -6.50 -19.11 15.69
C ILE C 279 -6.76 -20.15 14.61
N VAL C 280 -7.50 -21.21 14.94
CA VAL C 280 -7.82 -22.24 13.96
C VAL C 280 -8.68 -21.66 12.85
N ILE C 281 -9.68 -20.84 13.22
CA ILE C 281 -10.53 -20.23 12.21
C ILE C 281 -9.73 -19.33 11.29
N ALA C 282 -8.77 -18.58 11.86
CA ALA C 282 -7.91 -17.72 11.04
C ALA C 282 -7.06 -18.55 10.10
N LEU C 283 -6.47 -19.64 10.59
CA LEU C 283 -5.68 -20.52 9.73
C LEU C 283 -6.51 -20.99 8.54
N MET C 284 -7.70 -21.54 8.82
CA MET C 284 -8.46 -22.18 7.75
C MET C 284 -9.03 -21.14 6.78
N MET C 285 -9.45 -19.98 7.29
CA MET C 285 -9.96 -18.95 6.41
C MET C 285 -8.85 -18.30 5.60
N ALA C 286 -7.66 -18.14 6.17
CA ALA C 286 -6.52 -17.66 5.40
C ALA C 286 -6.14 -18.63 4.30
N VAL C 287 -6.17 -19.93 4.59
CA VAL C 287 -5.94 -20.94 3.57
C VAL C 287 -6.98 -20.83 2.46
N ALA C 288 -8.23 -20.58 2.83
CA ALA C 288 -9.29 -20.50 1.83
C ALA C 288 -9.11 -19.29 0.91
N LEU C 289 -8.71 -18.15 1.45
CA LEU C 289 -8.73 -16.89 0.73
C LEU C 289 -7.39 -16.46 0.16
N CYS C 290 -6.37 -17.31 0.24
CA CYS C 290 -5.00 -16.88 -0.05
C CYS C 290 -4.67 -16.83 -1.53
N GLU C 291 -5.47 -17.45 -2.40
CA GLU C 291 -5.12 -17.52 -3.81
C GLU C 291 -5.00 -16.14 -4.43
N VAL C 292 -3.93 -15.92 -5.19
CA VAL C 292 -3.70 -14.64 -5.84
C VAL C 292 -2.72 -14.85 -6.98
N SER C 293 -2.98 -14.20 -8.11
CA SER C 293 -2.13 -14.33 -9.28
C SER C 293 -0.88 -13.47 -9.15
N PRO C 294 0.22 -13.84 -9.83
CA PRO C 294 1.46 -13.07 -9.69
C PRO C 294 1.32 -11.59 -10.03
N ARG C 295 0.54 -11.27 -11.06
CA ARG C 295 0.37 -9.86 -11.45
C ARG C 295 -0.34 -9.08 -10.36
N GLN C 296 -1.33 -9.70 -9.71
CA GLN C 296 -2.08 -9.01 -8.67
C GLN C 296 -1.19 -8.64 -7.50
N GLY C 297 -0.31 -9.54 -7.09
CA GLY C 297 0.69 -9.25 -6.09
C GLY C 297 0.44 -9.99 -4.78
N ARG C 298 1.46 -9.93 -3.92
CA ARG C 298 1.38 -10.57 -2.60
C ARG C 298 0.30 -9.93 -1.73
N TYR C 299 0.16 -8.61 -1.80
CA TYR C 299 -0.66 -7.84 -0.88
C TYR C 299 -2.07 -7.57 -1.40
N TYR C 300 -2.44 -8.17 -2.54
CA TYR C 300 -3.72 -7.82 -3.17
C TYR C 300 -4.90 -8.17 -2.27
N ARG C 301 -4.94 -9.39 -1.73
CA ARG C 301 -6.08 -9.88 -1.01
C ARG C 301 -5.95 -9.75 0.51
N LEU C 302 -5.12 -8.83 0.99
CA LEU C 302 -5.08 -8.57 2.42
C LEU C 302 -6.32 -7.84 2.90
N ILE C 303 -6.76 -6.80 2.18
CA ILE C 303 -7.83 -5.95 2.67
C ILE C 303 -9.16 -6.69 2.74
N PRO C 304 -9.64 -7.35 1.68
CA PRO C 304 -10.91 -8.10 1.83
C PRO C 304 -10.84 -9.18 2.90
N ALA C 305 -9.72 -9.89 3.00
CA ALA C 305 -9.61 -10.95 3.99
C ALA C 305 -9.60 -10.39 5.41
N ILE C 306 -8.91 -9.26 5.61
CA ILE C 306 -8.90 -8.62 6.92
C ILE C 306 -10.28 -8.11 7.27
N PHE C 307 -11.05 -7.66 6.28
CA PHE C 307 -12.39 -7.18 6.59
C PHE C 307 -13.37 -8.32 6.83
N ILE C 308 -13.09 -9.50 6.28
CA ILE C 308 -13.87 -10.68 6.64
C ILE C 308 -13.53 -11.11 8.06
N PHE C 309 -12.24 -11.10 8.41
CA PHE C 309 -11.87 -11.49 9.75
C PHE C 309 -12.43 -10.51 10.77
N ALA C 310 -12.34 -9.20 10.49
CA ALA C 310 -12.98 -8.22 11.35
C ALA C 310 -14.48 -8.37 11.38
N SER C 311 -15.06 -9.14 10.44
CA SER C 311 -16.48 -9.43 10.48
C SER C 311 -16.72 -10.51 11.51
N LEU C 312 -15.81 -11.48 11.56
CA LEU C 312 -15.91 -12.50 12.59
C LEU C 312 -15.79 -11.84 13.95
N ILE C 313 -14.75 -11.01 14.12
CA ILE C 313 -14.49 -10.35 15.41
C ILE C 313 -15.71 -9.55 15.84
N VAL C 314 -16.35 -8.85 14.90
CA VAL C 314 -17.50 -8.00 15.24
C VAL C 314 -18.70 -8.86 15.60
N LEU C 315 -18.97 -9.90 14.82
CA LEU C 315 -20.04 -10.83 15.16
C LEU C 315 -19.82 -11.37 16.57
N LEU C 316 -18.57 -11.65 16.94
CA LEU C 316 -18.33 -12.26 18.24
C LEU C 316 -18.53 -11.21 19.34
N ILE C 317 -18.04 -9.99 19.12
CA ILE C 317 -18.16 -8.93 20.11
C ILE C 317 -19.61 -8.49 20.24
N ALA C 318 -20.47 -8.98 19.35
CA ALA C 318 -21.89 -8.73 19.43
C ALA C 318 -22.59 -9.87 20.15
N ILE C 319 -22.30 -11.11 19.73
CA ILE C 319 -22.88 -12.28 20.38
C ILE C 319 -22.51 -12.31 21.86
N ARG C 320 -21.46 -11.57 22.23
CA ARG C 320 -21.10 -11.47 23.65
C ARG C 320 -22.07 -10.53 24.33
N THR C 321 -22.09 -9.26 23.89
CA THR C 321 -23.03 -8.28 24.41
C THR C 321 -24.38 -8.97 24.64
N ARG C 322 -24.90 -9.66 23.65
CA ARG C 322 -26.21 -10.26 23.89
C ARG C 322 -26.06 -11.30 25.00
N ILE C 323 -25.27 -12.34 24.80
CA ILE C 323 -25.23 -13.39 25.82
C ILE C 323 -25.27 -12.78 27.22
N SER C 324 -24.69 -11.60 27.38
CA SER C 324 -24.63 -10.96 28.70
C SER C 324 -26.01 -10.52 29.13
N ARG C 325 -26.74 -9.84 28.25
CA ARG C 325 -28.08 -9.34 28.55
C ARG C 325 -29.13 -10.47 28.59
N ASP C 326 -28.66 -11.71 28.50
CA ASP C 326 -29.47 -12.91 28.57
C ASP C 326 -30.52 -12.93 27.46
N GLU C 327 -30.02 -13.02 26.24
CA GLU C 327 -30.89 -13.13 25.07
C GLU C 327 -30.51 -14.28 24.15
N LEU C 328 -29.21 -14.52 23.93
CA LEU C 328 -28.76 -15.48 22.93
C LEU C 328 -28.32 -16.81 23.53
N GLY C 329 -27.70 -16.81 24.71
CA GLY C 329 -27.17 -18.01 25.31
C GLY C 329 -25.75 -18.33 24.84
N VAL C 330 -25.05 -19.10 25.67
CA VAL C 330 -23.63 -19.37 25.44
C VAL C 330 -23.40 -20.15 24.16
N TRP C 331 -24.32 -21.06 23.81
CA TRP C 331 -24.14 -21.95 22.66
C TRP C 331 -23.75 -21.19 21.40
N ALA C 332 -24.10 -19.91 21.32
CA ALA C 332 -23.86 -19.12 20.12
C ALA C 332 -22.37 -18.92 19.82
N TYR C 333 -21.47 -19.13 20.80
CA TYR C 333 -20.06 -18.92 20.52
C TYR C 333 -19.51 -19.93 19.51
N PRO C 334 -19.45 -21.24 19.81
CA PRO C 334 -18.90 -22.17 18.80
C PRO C 334 -19.65 -22.15 17.50
N ALA C 335 -20.97 -21.93 17.54
CA ALA C 335 -21.76 -21.90 16.32
C ALA C 335 -21.25 -20.82 15.39
N ALA C 336 -21.08 -19.61 15.91
CA ALA C 336 -20.59 -18.52 15.08
C ALA C 336 -19.27 -18.95 14.43
N LEU C 337 -18.33 -19.44 15.24
CA LEU C 337 -17.08 -19.94 14.70
C LEU C 337 -17.33 -20.98 13.60
N ALA C 338 -18.22 -21.92 13.87
CA ALA C 338 -18.53 -22.95 12.88
C ALA C 338 -19.01 -22.32 11.58
N VAL C 339 -19.84 -21.28 11.69
CA VAL C 339 -20.34 -20.62 10.48
C VAL C 339 -19.17 -20.04 9.68
N TYR C 340 -18.20 -19.45 10.37
CA TYR C 340 -17.01 -18.96 9.69
C TYR C 340 -16.00 -20.07 9.41
N GLY C 341 -16.13 -21.22 10.07
CA GLY C 341 -15.28 -22.34 9.76
C GLY C 341 -15.73 -23.08 8.52
N ILE C 342 -16.96 -23.60 8.55
CA ILE C 342 -17.50 -24.33 7.41
C ILE C 342 -17.44 -23.48 6.15
N ALA C 343 -17.83 -22.20 6.26
CA ALA C 343 -17.79 -21.32 5.09
C ALA C 343 -16.42 -21.31 4.45
N ALA C 344 -15.36 -21.35 5.25
CA ALA C 344 -14.02 -21.42 4.69
C ALA C 344 -13.77 -22.80 4.08
N ALA C 345 -14.10 -23.86 4.82
CA ALA C 345 -13.82 -25.21 4.36
C ALA C 345 -14.47 -25.48 3.00
N LEU C 346 -15.71 -25.02 2.83
CA LEU C 346 -16.35 -25.16 1.52
C LEU C 346 -15.67 -24.30 0.48
N PHE C 347 -15.32 -23.07 0.82
CA PHE C 347 -14.74 -22.15 -0.16
C PHE C 347 -13.42 -22.68 -0.69
N SER C 348 -12.59 -23.26 0.18
CA SER C 348 -11.32 -23.82 -0.25
C SER C 348 -11.49 -25.05 -1.14
N ARG C 349 -12.69 -25.62 -1.21
CA ARG C 349 -12.92 -26.85 -1.95
C ARG C 349 -13.87 -26.65 -3.12
N LYS C 350 -13.89 -25.45 -3.70
CA LYS C 350 -14.72 -25.19 -4.87
C LYS C 350 -13.98 -25.50 -6.15
N ARG D 4 -0.44 21.80 -24.06
CA ARG D 4 -0.17 20.79 -23.05
C ARG D 4 -1.33 20.66 -22.07
N ARG D 5 -2.46 20.15 -22.55
CA ARG D 5 -3.62 20.01 -21.68
C ARG D 5 -4.21 18.59 -21.72
N ILE D 6 -3.99 17.86 -22.80
CA ILE D 6 -4.57 16.51 -22.90
C ILE D 6 -3.93 15.60 -21.86
N VAL D 7 -2.60 15.60 -21.76
CA VAL D 7 -1.95 14.79 -20.74
C VAL D 7 -2.30 15.30 -19.35
N ALA D 8 -2.33 16.62 -19.18
CA ALA D 8 -2.72 17.19 -17.90
C ALA D 8 -4.15 16.82 -17.55
N LYS D 9 -5.06 16.88 -18.53
CA LYS D 9 -6.44 16.49 -18.27
C LYS D 9 -6.53 15.02 -17.88
N HIS D 10 -5.79 14.16 -18.58
CA HIS D 10 -5.82 12.73 -18.26
C HIS D 10 -5.32 12.47 -16.85
N VAL D 11 -4.16 13.02 -16.49
CA VAL D 11 -3.59 12.79 -15.18
C VAL D 11 -4.52 13.35 -14.09
N THR D 12 -5.02 14.57 -14.30
CA THR D 12 -5.89 15.18 -13.31
C THR D 12 -7.17 14.39 -13.13
N LYS D 13 -7.77 13.92 -14.23
CA LYS D 13 -8.99 13.14 -14.13
C LYS D 13 -8.76 11.84 -13.38
N THR D 14 -7.70 11.11 -13.76
CA THR D 14 -7.42 9.85 -13.08
C THR D 14 -7.20 10.05 -11.60
N THR D 15 -6.36 11.02 -11.24
CA THR D 15 -6.02 11.22 -9.83
C THR D 15 -7.23 11.73 -9.04
N ALA D 16 -8.03 12.63 -9.64
CA ALA D 16 -9.21 13.13 -8.94
C ALA D 16 -10.24 12.02 -8.73
N LEU D 17 -10.45 11.17 -9.73
CA LEU D 17 -11.37 10.05 -9.53
C LEU D 17 -10.86 9.11 -8.45
N ALA D 18 -9.55 8.83 -8.44
CA ALA D 18 -8.99 8.00 -7.39
C ALA D 18 -9.23 8.62 -6.01
N MET D 19 -8.98 9.93 -5.88
CA MET D 19 -9.18 10.61 -4.62
C MET D 19 -10.65 10.56 -4.19
N LEU D 20 -11.57 10.80 -5.13
CA LEU D 20 -12.99 10.79 -4.78
C LEU D 20 -13.44 9.41 -4.34
N GLY D 21 -13.04 8.37 -5.08
CA GLY D 21 -13.40 7.02 -4.67
C GLY D 21 -12.85 6.66 -3.32
N THR D 22 -11.58 6.99 -3.06
CA THR D 22 -10.97 6.70 -1.77
C THR D 22 -11.69 7.47 -0.66
N THR D 23 -12.04 8.72 -0.93
CA THR D 23 -12.74 9.53 0.07
C THR D 23 -14.10 8.94 0.41
N ILE D 24 -14.85 8.50 -0.61
CA ILE D 24 -16.16 7.91 -0.36
C ILE D 24 -16.00 6.63 0.46
N VAL D 25 -15.05 5.78 0.07
CA VAL D 25 -14.85 4.51 0.77
C VAL D 25 -14.46 4.75 2.21
N LEU D 26 -13.51 5.66 2.44
CA LEU D 26 -13.06 5.92 3.81
C LEU D 26 -14.16 6.55 4.65
N VAL D 27 -14.98 7.42 4.05
CA VAL D 27 -16.09 8.00 4.80
C VAL D 27 -17.07 6.91 5.23
N ILE D 28 -17.39 5.99 4.31
CA ILE D 28 -18.32 4.91 4.66
C ILE D 28 -17.74 4.05 5.78
N LEU D 29 -16.46 3.69 5.64
CA LEU D 29 -15.84 2.85 6.66
C LEU D 29 -15.80 3.56 8.02
N GLN D 30 -15.46 4.85 8.03
CA GLN D 30 -15.41 5.55 9.32
C GLN D 30 -16.79 5.68 9.93
N VAL D 31 -17.82 5.92 9.12
CA VAL D 31 -19.18 5.96 9.67
C VAL D 31 -19.53 4.62 10.29
N LEU D 32 -19.22 3.52 9.59
CA LEU D 32 -19.53 2.20 10.13
C LEU D 32 -18.79 1.93 11.43
N PHE D 33 -17.48 2.23 11.45
CA PHE D 33 -16.68 1.96 12.63
C PHE D 33 -17.10 2.84 13.80
N THR D 34 -17.42 4.11 13.54
CA THR D 34 -17.88 4.99 14.59
C THR D 34 -19.21 4.54 15.14
N TYR D 35 -20.10 4.01 14.29
CA TYR D 35 -21.33 3.44 14.83
C TYR D 35 -21.01 2.24 15.71
N LEU D 36 -20.09 1.39 15.27
CA LEU D 36 -19.80 0.20 16.05
C LEU D 36 -19.24 0.61 17.41
N GLY D 37 -18.52 1.73 17.44
CA GLY D 37 -17.92 2.22 18.67
C GLY D 37 -18.99 2.85 19.54
N GLU D 38 -19.95 3.53 18.91
CA GLU D 38 -21.04 4.20 19.61
C GLU D 38 -22.23 3.29 19.82
N LEU D 39 -22.00 1.98 19.77
CA LEU D 39 -23.01 0.99 20.12
C LEU D 39 -22.75 0.41 21.51
N SER D 40 -21.75 0.93 22.21
CA SER D 40 -21.38 0.49 23.55
C SER D 40 -21.79 1.49 24.62
N ASN D 41 -22.39 2.62 24.22
CA ASN D 41 -22.81 3.67 25.13
C ASN D 41 -24.31 3.89 25.06
N LEU D 42 -25.03 2.92 24.50
CA LEU D 42 -26.49 2.97 24.46
C LEU D 42 -27.05 3.04 25.88
N LYS D 43 -28.14 3.81 26.02
CA LYS D 43 -28.84 3.94 27.28
C LYS D 43 -30.34 3.92 27.01
N ALA D 44 -31.13 4.04 28.08
CA ALA D 44 -32.59 4.00 27.94
C ALA D 44 -33.09 5.12 27.05
N ASP D 45 -32.58 6.33 27.25
CA ASP D 45 -32.97 7.47 26.43
C ASP D 45 -32.13 7.62 25.17
N TYR D 46 -31.21 6.68 24.91
CA TYR D 46 -30.28 6.77 23.79
C TYR D 46 -30.27 5.39 23.13
N SER D 47 -31.13 5.22 22.11
CA SER D 47 -31.29 3.93 21.45
C SER D 47 -30.34 3.80 20.27
N ALA D 48 -30.38 2.64 19.62
CA ALA D 48 -29.50 2.38 18.48
C ALA D 48 -29.79 3.33 17.33
N TRP D 49 -31.06 3.67 17.12
CA TRP D 49 -31.42 4.63 16.08
C TRP D 49 -30.84 6.01 16.39
N GLN D 50 -30.90 6.41 17.66
CA GLN D 50 -30.29 7.68 18.07
C GLN D 50 -28.78 7.66 17.81
N ALA D 51 -28.12 6.55 18.11
CA ALA D 51 -26.69 6.44 17.83
C ALA D 51 -26.41 6.52 16.34
N PHE D 52 -27.23 5.87 15.52
CA PHE D 52 -27.04 5.93 14.08
C PHE D 52 -27.20 7.36 13.57
N LEU D 53 -28.21 8.08 14.07
CA LEU D 53 -28.37 9.47 13.67
C LEU D 53 -27.19 10.32 14.13
N TYR D 54 -26.70 10.07 15.34
CA TYR D 54 -25.54 10.82 15.84
C TYR D 54 -24.32 10.60 14.97
N VAL D 55 -24.09 9.35 14.56
CA VAL D 55 -22.94 9.06 13.71
C VAL D 55 -23.14 9.68 12.32
N LEU D 56 -24.35 9.60 11.78
CA LEU D 56 -24.62 10.16 10.46
C LEU D 56 -24.40 11.67 10.44
N TRP D 57 -24.86 12.36 11.50
CA TRP D 57 -24.63 13.80 11.59
C TRP D 57 -23.15 14.14 11.71
N GLY D 58 -22.33 13.21 12.19
CA GLY D 58 -20.90 13.45 12.28
C GLY D 58 -20.13 13.16 11.01
N ALA D 59 -20.82 12.76 9.95
CA ALA D 59 -20.12 12.42 8.71
C ALA D 59 -19.28 13.56 8.15
N PRO D 60 -19.74 14.82 8.10
CA PRO D 60 -18.85 15.88 7.58
C PRO D 60 -17.55 16.01 8.37
N ARG D 61 -17.59 15.84 9.69
CA ARG D 61 -16.37 15.91 10.48
C ARG D 61 -15.41 14.79 10.11
N TYR D 62 -15.93 13.57 9.95
CA TYR D 62 -15.08 12.44 9.55
C TYR D 62 -14.48 12.68 8.17
N LEU D 63 -15.29 13.23 7.26
CA LEU D 63 -14.80 13.56 5.93
C LEU D 63 -13.67 14.58 5.99
N TYR D 64 -13.85 15.62 6.81
CA TYR D 64 -12.83 16.64 6.96
C TYR D 64 -11.54 16.05 7.52
N GLU D 65 -11.67 15.15 8.51
CA GLU D 65 -10.49 14.53 9.09
C GLU D 65 -9.85 13.52 8.16
N ILE D 66 -10.60 12.98 7.20
CA ILE D 66 -10.06 11.97 6.30
C ILE D 66 -9.45 12.56 5.03
N LEU D 67 -9.78 13.80 4.70
CA LEU D 67 -9.26 14.39 3.46
C LEU D 67 -7.75 14.26 3.26
N PRO D 68 -6.88 14.48 4.28
CA PRO D 68 -5.44 14.34 4.02
C PRO D 68 -5.03 12.94 3.59
N ILE D 69 -5.37 11.93 4.39
CA ILE D 69 -5.02 10.56 4.03
C ILE D 69 -5.77 10.12 2.78
N SER D 70 -6.98 10.64 2.58
CA SER D 70 -7.71 10.35 1.34
C SER D 70 -6.94 10.84 0.12
N ALA D 71 -6.42 12.07 0.18
CA ALA D 71 -5.62 12.59 -0.92
C ALA D 71 -4.34 11.78 -1.09
N LEU D 72 -3.70 11.40 0.01
CA LEU D 72 -2.50 10.58 -0.07
C LEU D 72 -2.78 9.28 -0.82
N ILE D 73 -3.81 8.55 -0.40
CA ILE D 73 -4.11 7.26 -1.01
C ILE D 73 -4.57 7.45 -2.45
N GLY D 74 -5.32 8.53 -2.72
CA GLY D 74 -5.75 8.79 -4.08
C GLY D 74 -4.58 9.04 -5.01
N ALA D 75 -3.60 9.83 -4.57
CA ALA D 75 -2.41 10.05 -5.38
C ALA D 75 -1.66 8.74 -5.59
N ILE D 76 -1.50 7.95 -4.52
CA ILE D 76 -0.81 6.66 -4.66
C ILE D 76 -1.50 5.79 -5.71
N LEU D 77 -2.82 5.64 -5.60
CA LEU D 77 -3.54 4.75 -6.51
C LEU D 77 -3.54 5.27 -7.94
N GLY D 78 -3.78 6.57 -8.12
CA GLY D 78 -3.78 7.12 -9.48
C GLY D 78 -2.42 7.00 -10.15
N LEU D 79 -1.35 7.39 -9.46
CA LEU D 79 -0.04 7.29 -10.08
C LEU D 79 0.42 5.84 -10.20
N GLY D 80 -0.07 4.94 -9.34
CA GLY D 80 0.21 3.54 -9.53
C GLY D 80 -0.45 2.97 -10.76
N THR D 81 -1.71 3.37 -11.00
CA THR D 81 -2.39 2.98 -12.23
C THR D 81 -1.65 3.52 -13.45
N LEU D 82 -1.17 4.76 -13.37
CA LEU D 82 -0.43 5.35 -14.48
C LEU D 82 0.91 4.65 -14.70
N ALA D 83 1.59 4.26 -13.62
CA ALA D 83 2.95 3.74 -13.74
C ALA D 83 2.95 2.26 -14.13
N SER D 84 2.16 1.45 -13.44
CA SER D 84 2.10 0.02 -13.76
C SER D 84 1.70 -0.22 -15.21
N ASN D 85 0.96 0.72 -15.80
CA ASN D 85 0.65 0.69 -17.22
C ASN D 85 1.74 1.30 -18.08
N SER D 86 2.87 1.70 -17.47
CA SER D 86 4.02 2.24 -18.17
C SER D 86 3.68 3.53 -18.91
N GLU D 87 2.78 4.33 -18.35
CA GLU D 87 2.45 5.62 -18.92
C GLU D 87 3.39 6.73 -18.45
N LEU D 88 3.86 6.67 -17.21
CA LEU D 88 4.79 7.69 -16.74
C LEU D 88 6.12 7.60 -17.46
N ILE D 89 6.56 6.39 -17.83
CA ILE D 89 7.82 6.24 -18.54
C ILE D 89 7.75 6.92 -19.91
N VAL D 90 6.66 6.72 -20.64
CA VAL D 90 6.52 7.39 -21.94
C VAL D 90 6.33 8.89 -21.74
N MET D 91 5.59 9.28 -20.70
CA MET D 91 5.43 10.70 -20.39
C MET D 91 6.78 11.38 -20.21
N ARG D 92 7.68 10.74 -19.46
CA ARG D 92 9.03 11.27 -19.32
C ARG D 92 9.79 11.23 -20.64
N SER D 93 9.63 10.14 -21.39
CA SER D 93 10.34 9.94 -22.65
C SER D 93 9.95 10.94 -23.74
N VAL D 94 8.84 11.67 -23.57
CA VAL D 94 8.48 12.73 -24.50
C VAL D 94 8.85 14.10 -23.97
N GLY D 95 9.57 14.17 -22.85
CA GLY D 95 10.07 15.41 -22.33
C GLY D 95 9.29 16.03 -21.18
N ILE D 96 8.22 15.38 -20.72
CA ILE D 96 7.43 15.89 -19.60
C ILE D 96 8.14 15.53 -18.30
N SER D 97 8.50 16.55 -17.52
CA SER D 97 9.29 16.35 -16.32
C SER D 97 8.45 15.80 -15.18
N LEU D 98 9.13 15.32 -14.14
CA LEU D 98 8.46 14.80 -12.97
C LEU D 98 7.67 15.89 -12.24
N TRP D 99 8.27 17.08 -12.12
CA TRP D 99 7.63 18.16 -11.39
C TRP D 99 6.34 18.59 -12.05
N ARG D 100 6.22 18.46 -13.37
CA ARG D 100 4.96 18.80 -14.03
C ARG D 100 3.86 17.81 -13.69
N ILE D 101 4.20 16.52 -13.60
CA ILE D 101 3.22 15.52 -13.17
C ILE D 101 2.80 15.78 -11.73
N VAL D 102 3.77 16.12 -10.87
CA VAL D 102 3.44 16.46 -9.49
C VAL D 102 2.54 17.70 -9.45
N GLY D 103 2.78 18.66 -10.33
CA GLY D 103 1.94 19.84 -10.39
C GLY D 103 0.51 19.51 -10.80
N TRP D 104 0.35 18.60 -11.76
CA TRP D 104 -0.98 18.15 -12.14
C TRP D 104 -1.68 17.46 -10.97
N VAL D 105 -0.97 16.61 -10.23
CA VAL D 105 -1.57 15.94 -9.09
C VAL D 105 -1.95 16.96 -8.00
N ILE D 106 -1.13 18.00 -7.83
CA ILE D 106 -1.47 19.05 -6.88
C ILE D 106 -2.70 19.83 -7.34
N ARG D 107 -2.82 20.05 -8.66
CA ARG D 107 -4.05 20.62 -9.20
C ARG D 107 -5.25 19.77 -8.83
N SER D 108 -5.10 18.45 -8.90
CA SER D 108 -6.19 17.56 -8.48
C SER D 108 -6.49 17.71 -7.00
N ALA D 109 -5.44 17.82 -6.17
CA ALA D 109 -5.62 17.86 -4.72
C ALA D 109 -6.17 19.19 -4.23
N LEU D 110 -6.03 20.25 -5.04
CA LEU D 110 -6.59 21.53 -4.63
C LEU D 110 -8.11 21.48 -4.50
N VAL D 111 -8.76 20.58 -5.24
CA VAL D 111 -10.20 20.39 -5.05
C VAL D 111 -10.49 19.89 -3.65
N LEU D 112 -9.71 18.93 -3.17
CA LEU D 112 -9.89 18.44 -1.80
C LEU D 112 -9.54 19.51 -0.78
N VAL D 113 -8.56 20.37 -1.08
CA VAL D 113 -8.24 21.47 -0.17
C VAL D 113 -9.43 22.43 -0.07
N LEU D 114 -10.03 22.76 -1.21
CA LEU D 114 -11.20 23.64 -1.21
C LEU D 114 -12.36 23.01 -0.45
N LEU D 115 -12.57 21.70 -0.64
CA LEU D 115 -13.63 21.01 0.08
C LEU D 115 -13.36 21.04 1.57
N SER D 116 -12.09 20.90 1.96
CA SER D 116 -11.71 20.99 3.38
C SER D 116 -12.07 22.35 3.95
N PHE D 117 -11.73 23.42 3.22
CA PHE D 117 -12.07 24.76 3.69
C PHE D 117 -13.58 24.92 3.83
N ALA D 118 -14.33 24.46 2.81
CA ALA D 118 -15.78 24.61 2.84
C ALA D 118 -16.38 23.88 4.02
N LEU D 119 -15.92 22.65 4.28
CA LEU D 119 -16.44 21.88 5.42
C LEU D 119 -16.07 22.55 6.73
N SER D 120 -14.83 23.00 6.87
CA SER D 120 -14.38 23.55 8.13
C SER D 120 -15.16 24.82 8.46
N GLU D 121 -15.34 25.69 7.47
CA GLU D 121 -15.87 27.02 7.75
C GLU D 121 -17.39 27.10 7.62
N TRP D 122 -18.03 26.14 6.98
CA TRP D 122 -19.48 26.25 6.76
C TRP D 122 -20.29 25.08 7.27
N VAL D 123 -19.81 23.84 7.10
CA VAL D 123 -20.62 22.66 7.33
C VAL D 123 -20.42 22.09 8.73
N VAL D 124 -19.16 21.87 9.13
CA VAL D 124 -18.88 21.18 10.39
C VAL D 124 -19.56 21.83 11.60
N PRO D 125 -19.50 23.15 11.79
CA PRO D 125 -20.10 23.72 13.01
C PRO D 125 -21.59 23.51 13.13
N TYR D 126 -22.29 23.21 12.03
CA TYR D 126 -23.72 22.99 12.07
C TYR D 126 -24.06 21.53 12.36
N THR D 127 -23.52 20.61 11.57
CA THR D 127 -23.78 19.19 11.79
C THR D 127 -23.23 18.71 13.11
N ASN D 128 -22.08 19.25 13.55
CA ASN D 128 -21.55 18.89 14.85
C ASN D 128 -22.51 19.30 15.96
N GLU D 129 -23.07 20.51 15.87
CA GLU D 129 -24.05 20.96 16.85
C GLU D 129 -25.30 20.09 16.82
N ARG D 130 -25.75 19.72 15.63
CA ARG D 130 -26.92 18.83 15.53
C ARG D 130 -26.64 17.48 16.17
N ALA D 131 -25.45 16.93 15.93
CA ALA D 131 -25.11 15.65 16.53
C ALA D 131 -25.05 15.74 18.05
N ASN D 132 -24.47 16.82 18.57
CA ASN D 132 -24.42 16.99 20.02
C ASN D 132 -25.83 17.14 20.59
N SER D 133 -26.71 17.86 19.91
CA SER D 133 -28.08 18.00 20.37
C SER D 133 -28.79 16.64 20.41
N VAL D 134 -28.60 15.83 19.36
CA VAL D 134 -29.20 14.51 19.33
C VAL D 134 -28.68 13.65 20.47
N LYS D 135 -27.37 13.68 20.70
CA LYS D 135 -26.78 12.81 21.73
C LYS D 135 -27.21 13.24 23.12
N SER D 136 -27.26 14.55 23.38
CA SER D 136 -27.60 15.02 24.73
C SER D 136 -29.10 14.94 24.99
N HIS D 137 -29.93 15.28 24.01
CA HIS D 137 -31.37 15.22 24.18
C HIS D 137 -31.94 13.94 23.56
N GLU D 145 -25.59 30.57 27.38
CA GLU D 145 -25.85 29.17 27.12
C GLU D 145 -24.75 28.36 27.83
N VAL D 146 -24.26 28.92 28.94
CA VAL D 146 -23.22 28.27 29.73
C VAL D 146 -23.43 28.62 31.19
N ARG D 147 -22.98 27.73 32.08
CA ARG D 147 -23.14 27.88 33.51
C ARG D 147 -21.79 27.73 34.19
N GLY D 148 -21.64 28.40 35.34
CA GLY D 148 -20.41 28.31 36.11
C GLY D 148 -19.20 28.79 35.34
N TYR D 149 -19.30 29.94 34.68
CA TYR D 149 -18.24 30.44 33.82
C TYR D 149 -17.34 31.38 34.62
N TRP D 150 -16.07 31.03 34.74
CA TRP D 150 -15.04 31.90 35.29
C TRP D 150 -14.30 32.58 34.15
N SER D 151 -13.90 33.84 34.39
CA SER D 151 -13.20 34.60 33.36
C SER D 151 -12.36 35.68 34.02
N ARG D 152 -11.47 36.27 33.24
CA ARG D 152 -10.60 37.33 33.70
C ARG D 152 -10.63 38.48 32.72
N GLU D 153 -10.51 39.70 33.24
CA GLU D 153 -10.40 40.93 32.47
C GLU D 153 -9.25 41.72 33.10
N GLY D 154 -8.03 41.48 32.61
CA GLY D 154 -6.87 42.14 33.18
C GLY D 154 -6.67 41.75 34.63
N GLN D 155 -6.91 42.69 35.54
CA GLN D 155 -6.78 42.44 36.97
C GLN D 155 -8.11 42.12 37.64
N ARG D 156 -9.17 41.96 36.85
CA ARG D 156 -10.49 41.64 37.37
C ARG D 156 -10.81 40.17 37.16
N PHE D 157 -11.49 39.56 38.12
CA PHE D 157 -11.91 38.17 38.05
C PHE D 157 -13.43 38.11 38.16
N ILE D 158 -14.07 37.44 37.21
CA ILE D 158 -15.52 37.44 37.09
C ILE D 158 -16.02 36.00 37.12
N TYR D 159 -17.11 35.77 37.84
CA TYR D 159 -17.79 34.48 37.88
C TYR D 159 -19.26 34.71 37.57
N VAL D 160 -19.78 33.94 36.60
CA VAL D 160 -21.17 34.05 36.20
C VAL D 160 -21.77 32.65 36.32
N ASP D 161 -22.68 32.47 37.27
CA ASP D 161 -23.27 31.14 37.48
C ASP D 161 -24.12 30.71 36.30
N TYR D 162 -24.80 31.65 35.64
CA TYR D 162 -25.55 31.29 34.44
C TYR D 162 -25.46 32.42 33.43
N ALA D 163 -25.25 32.06 32.17
CA ALA D 163 -25.21 33.01 31.07
C ALA D 163 -26.07 32.51 29.92
N ASN D 164 -26.91 33.39 29.39
CA ASN D 164 -27.80 33.09 28.28
C ASN D 164 -27.36 33.89 27.07
N SER D 165 -27.13 33.19 25.96
CA SER D 165 -26.63 33.81 24.74
C SER D 165 -27.56 34.92 24.24
N GLN D 166 -28.84 34.87 24.59
CA GLN D 166 -29.73 35.99 24.31
C GLN D 166 -29.25 37.27 25.00
N GLY D 167 -28.32 37.17 25.94
CA GLY D 167 -27.69 38.33 26.54
C GLY D 167 -28.05 38.52 28.00
N GLN D 168 -28.22 37.43 28.74
CA GLN D 168 -28.60 37.53 30.16
C GLN D 168 -27.54 36.88 31.03
N LEU D 169 -27.44 37.36 32.26
CA LEU D 169 -26.55 36.78 33.26
C LEU D 169 -27.27 36.67 34.59
N LYS D 170 -27.03 35.56 35.29
CA LYS D 170 -27.58 35.36 36.63
C LYS D 170 -26.48 34.90 37.57
N ARG D 171 -26.51 35.46 38.79
CA ARG D 171 -25.53 35.22 39.85
C ARG D 171 -24.14 35.65 39.40
N ILE D 172 -24.00 36.96 39.20
CA ILE D 172 -22.74 37.57 38.83
C ILE D 172 -21.95 37.92 40.09
N GLN D 173 -20.64 37.65 40.05
CA GLN D 173 -19.69 38.09 41.06
C GLN D 173 -18.47 38.64 40.36
N VAL D 174 -17.96 39.77 40.85
CA VAL D 174 -16.81 40.43 40.23
C VAL D 174 -15.87 40.89 41.34
N VAL D 175 -14.57 40.69 41.12
CA VAL D 175 -13.53 41.13 42.04
C VAL D 175 -12.52 41.95 41.24
N ASP D 176 -12.24 43.16 41.71
CA ASP D 176 -11.28 44.05 41.07
C ASP D 176 -10.10 44.26 41.99
N PHE D 177 -8.89 43.99 41.49
CA PHE D 177 -7.65 44.09 42.24
C PHE D 177 -6.85 45.30 41.78
N ASP D 178 -5.99 45.78 42.67
CA ASP D 178 -5.04 46.82 42.32
C ASP D 178 -3.86 46.20 41.56
N ASP D 179 -3.09 47.06 40.89
CA ASP D 179 -1.90 46.59 40.18
C ASP D 179 -0.94 45.87 41.10
N ASN D 180 -0.97 46.19 42.40
CA ASN D 180 -0.19 45.48 43.41
C ASN D 180 -0.95 44.33 44.04
N TYR D 181 -2.02 43.85 43.39
CA TYR D 181 -2.81 42.69 43.77
C TYR D 181 -3.62 42.91 45.03
N ARG D 182 -3.71 44.14 45.53
CA ARG D 182 -4.58 44.46 46.66
C ARG D 182 -6.00 44.70 46.16
N LEU D 183 -6.97 44.19 46.94
CA LEU D 183 -8.38 44.36 46.59
C LEU D 183 -8.71 45.82 46.37
N LYS D 184 -9.24 46.12 45.18
CA LYS D 184 -9.82 47.43 44.91
C LYS D 184 -11.31 47.44 45.17
N SER D 185 -12.01 46.35 44.83
CA SER D 185 -13.45 46.29 45.06
C SER D 185 -13.93 44.86 44.85
N VAL D 186 -15.15 44.61 45.34
CA VAL D 186 -15.85 43.35 45.13
C VAL D 186 -17.32 43.69 44.96
N THR D 187 -18.03 42.91 44.15
CA THR D 187 -19.44 43.17 43.93
C THR D 187 -20.16 41.90 43.52
N ASN D 188 -21.47 41.90 43.76
CA ASN D 188 -22.34 40.80 43.38
C ASN D 188 -23.61 41.37 42.78
N ALA D 189 -24.30 40.54 41.99
CA ALA D 189 -25.52 40.94 41.31
C ALA D 189 -26.37 39.72 41.00
N GLU D 190 -27.68 39.88 41.12
CA GLU D 190 -28.59 38.76 40.87
C GLU D 190 -28.81 38.53 39.38
N GLN D 191 -29.07 39.60 38.62
CA GLN D 191 -29.33 39.49 37.19
C GLN D 191 -28.67 40.65 36.46
N GLY D 192 -28.36 40.41 35.19
CA GLY D 192 -27.69 41.41 34.37
C GLY D 192 -28.04 41.25 32.90
N GLN D 193 -27.93 42.35 32.17
CA GLN D 193 -28.38 42.47 30.79
C GLN D 193 -27.39 43.32 29.99
N PHE D 194 -26.87 42.74 28.90
CA PHE D 194 -25.99 43.47 27.99
C PHE D 194 -26.74 44.63 27.37
N VAL D 195 -26.09 45.80 27.25
CA VAL D 195 -26.72 46.97 26.65
C VAL D 195 -25.93 47.50 25.45
N LYS D 196 -24.62 47.69 25.61
CA LYS D 196 -23.77 48.15 24.53
C LYS D 196 -22.43 47.44 24.67
N ASP D 197 -21.62 47.50 23.61
CA ASP D 197 -20.36 46.80 23.57
C ASP D 197 -19.56 47.03 24.85
N GLY D 198 -19.37 45.98 25.63
CA GLY D 198 -18.57 46.08 26.83
C GLY D 198 -19.27 46.69 28.03
N GLN D 199 -20.59 46.73 28.05
CA GLN D 199 -21.29 47.30 29.20
C GLN D 199 -22.62 46.59 29.43
N TRP D 200 -22.92 46.35 30.71
CA TRP D 200 -24.09 45.59 31.13
C TRP D 200 -24.79 46.33 32.26
N LEU D 201 -26.11 46.45 32.16
CA LEU D 201 -26.93 46.83 33.30
C LEU D 201 -27.08 45.62 34.23
N LEU D 202 -27.40 45.88 35.49
CA LEU D 202 -27.66 44.78 36.40
C LEU D 202 -28.48 45.25 37.59
N ASN D 203 -29.09 44.27 38.25
CA ASN D 203 -29.96 44.50 39.40
C ASN D 203 -29.29 43.96 40.66
N HIS D 204 -29.69 44.50 41.81
CA HIS D 204 -29.23 44.03 43.11
C HIS D 204 -27.70 44.06 43.19
N SER D 205 -27.14 45.26 43.11
CA SER D 205 -25.69 45.46 43.02
C SER D 205 -25.14 45.66 44.41
N GLN D 206 -24.86 44.55 45.08
CA GLN D 206 -24.11 44.62 46.33
C GLN D 206 -22.65 44.90 46.04
N GLN D 207 -22.04 45.77 46.84
CA GLN D 207 -20.69 46.22 46.54
C GLN D 207 -19.92 46.49 47.82
N MET D 208 -18.60 46.32 47.75
CA MET D 208 -17.68 46.67 48.80
C MET D 208 -16.42 47.24 48.16
N ALA D 209 -15.83 48.24 48.80
CA ALA D 209 -14.67 48.93 48.23
C ALA D 209 -13.63 49.16 49.32
N ILE D 210 -12.40 49.42 48.89
CA ILE D 210 -11.30 49.67 49.81
C ILE D 210 -10.78 51.09 49.64
N LEU D 218 -21.00 47.87 53.94
CA LEU D 218 -20.95 47.56 52.51
C LEU D 218 -21.76 48.57 51.71
N ALA D 219 -22.18 48.17 50.51
CA ALA D 219 -22.98 49.01 49.64
C ALA D 219 -24.00 48.17 48.90
N ASN D 220 -25.04 48.83 48.41
CA ASN D 220 -26.11 48.16 47.69
C ASN D 220 -26.74 49.15 46.73
N ALA D 221 -27.40 48.61 45.71
CA ALA D 221 -28.08 49.45 44.72
C ALA D 221 -29.12 48.61 44.00
N ALA D 222 -30.29 49.21 43.75
CA ALA D 222 -31.37 48.50 43.08
C ALA D 222 -30.98 48.12 41.66
N LYS D 223 -30.35 49.04 40.93
CA LYS D 223 -29.95 48.79 39.56
C LYS D 223 -28.82 49.74 39.18
N GLN D 224 -27.84 49.22 38.46
CA GLN D 224 -26.71 50.04 38.04
C GLN D 224 -26.04 49.39 36.83
N PRO D 225 -25.48 50.19 35.92
CA PRO D 225 -24.65 49.61 34.85
C PRO D 225 -23.17 49.63 35.17
N PHE D 226 -22.40 48.71 34.59
CA PHE D 226 -20.94 48.82 34.64
C PHE D 226 -20.37 48.06 33.45
N SER D 227 -19.09 48.30 33.18
CA SER D 227 -18.43 47.81 31.99
C SER D 227 -17.69 46.51 32.29
N LEU D 228 -18.02 45.46 31.54
CA LEU D 228 -17.25 44.22 31.52
C LEU D 228 -17.20 43.72 30.08
N ALA D 229 -16.13 43.00 29.75
CA ALA D 229 -15.84 42.70 28.34
C ALA D 229 -16.58 41.48 27.80
N LEU D 230 -17.27 40.71 28.64
CA LEU D 230 -17.98 39.54 28.15
C LEU D 230 -19.04 39.93 27.12
N GLN D 231 -19.13 39.16 26.04
CA GLN D 231 -20.09 39.45 24.98
C GLN D 231 -20.91 38.20 24.68
N PRO D 232 -22.21 38.35 24.43
CA PRO D 232 -23.03 37.19 24.05
C PRO D 232 -22.50 36.43 22.85
N LYS D 233 -21.73 37.09 21.98
CA LYS D 233 -21.28 36.46 20.74
C LYS D 233 -20.47 35.20 21.00
N TYR D 234 -19.59 35.23 22.01
CA TYR D 234 -18.66 34.15 22.28
C TYR D 234 -19.06 33.27 23.45
N VAL D 235 -20.25 33.47 24.02
CA VAL D 235 -20.65 32.69 25.19
C VAL D 235 -20.75 31.21 24.84
N HIS D 236 -21.37 30.89 23.72
CA HIS D 236 -21.55 29.49 23.34
C HIS D 236 -20.23 28.81 23.00
N MET D 237 -19.22 29.57 22.58
CA MET D 237 -17.93 29.00 22.20
C MET D 237 -17.20 28.37 23.38
N VAL D 238 -17.50 28.79 24.60
CA VAL D 238 -16.75 28.34 25.77
C VAL D 238 -16.85 26.83 25.94
N THR D 239 -18.05 26.27 25.75
CA THR D 239 -18.25 24.84 25.97
C THR D 239 -17.69 23.99 24.83
N ILE D 240 -17.33 24.59 23.71
CA ILE D 240 -16.86 23.86 22.55
C ILE D 240 -15.33 23.76 22.61
N ASP D 241 -14.80 22.58 22.26
CA ASP D 241 -13.37 22.39 22.27
C ASP D 241 -12.70 23.27 21.22
N PRO D 242 -11.47 23.72 21.47
CA PRO D 242 -10.79 24.58 20.49
C PRO D 242 -10.65 23.94 19.13
N GLU D 243 -10.43 22.63 19.07
CA GLU D 243 -10.23 21.95 17.80
C GLU D 243 -11.48 22.01 16.93
N ASP D 244 -12.65 21.81 17.54
CA ASP D 244 -13.90 21.74 16.79
C ASP D 244 -14.38 23.10 16.31
N LEU D 245 -13.82 24.19 16.80
CA LEU D 245 -14.20 25.52 16.32
C LEU D 245 -13.76 25.70 14.88
N SER D 246 -14.61 26.36 14.09
CA SER D 246 -14.24 26.73 12.73
C SER D 246 -13.15 27.80 12.78
N PHE D 247 -12.51 28.02 11.62
CA PHE D 247 -11.43 29.00 11.58
C PHE D 247 -11.91 30.41 11.92
N SER D 248 -13.09 30.79 11.40
CA SER D 248 -13.61 32.12 11.71
C SER D 248 -13.88 32.27 13.20
N GLN D 249 -14.60 31.31 13.79
CA GLN D 249 -14.90 31.36 15.21
C GLN D 249 -13.62 31.35 16.05
N LEU D 250 -12.68 30.47 15.69
CA LEU D 250 -11.44 30.38 16.45
C LEU D 250 -10.66 31.69 16.40
N VAL D 251 -10.54 32.29 15.22
CA VAL D 251 -9.79 33.53 15.08
C VAL D 251 -10.47 34.65 15.86
N SER D 252 -11.80 34.76 15.74
CA SER D 252 -12.51 35.82 16.45
C SER D 252 -12.37 35.66 17.96
N PHE D 253 -12.54 34.43 18.47
CA PHE D 253 -12.44 34.20 19.90
C PHE D 253 -11.03 34.45 20.40
N MET D 254 -10.01 34.01 19.64
CA MET D 254 -8.64 34.25 20.04
C MET D 254 -8.31 35.73 20.05
N ASN D 255 -8.78 36.49 19.07
CA ASN D 255 -8.56 37.92 19.07
C ASN D 255 -9.21 38.57 20.29
N TYR D 256 -10.45 38.19 20.59
CA TYR D 256 -11.13 38.73 21.77
C TYR D 256 -10.34 38.43 23.04
N MET D 257 -9.98 37.15 23.24
CA MET D 257 -9.27 36.77 24.45
C MET D 257 -7.93 37.48 24.56
N ARG D 258 -7.18 37.55 23.46
CA ARG D 258 -5.88 38.21 23.49
C ARG D 258 -6.03 39.69 23.83
N GLU D 259 -7.04 40.36 23.26
CA GLU D 259 -7.21 41.78 23.53
C GLU D 259 -7.70 42.02 24.95
N TYR D 260 -8.36 41.04 25.57
CA TYR D 260 -8.91 41.22 26.91
C TYR D 260 -8.25 40.37 28.00
N SER D 261 -7.55 39.30 27.64
CA SER D 261 -6.97 38.41 28.65
C SER D 261 -5.81 37.65 27.99
N GLN D 262 -5.36 36.57 28.64
CA GLN D 262 -4.29 35.75 28.10
C GLN D 262 -4.88 34.58 27.33
N VAL D 263 -4.42 34.40 26.10
CA VAL D 263 -4.92 33.30 25.26
C VAL D 263 -4.26 31.99 25.71
N PRO D 264 -5.05 30.95 25.96
CA PRO D 264 -4.45 29.67 26.36
C PRO D 264 -3.64 29.06 25.22
N LYS D 265 -2.71 28.19 25.60
CA LYS D 265 -1.85 27.57 24.61
C LYS D 265 -2.60 26.58 23.73
N THR D 266 -3.66 25.96 24.26
CA THR D 266 -4.43 25.02 23.45
C THR D 266 -5.10 25.71 22.26
N TYR D 267 -5.54 26.95 22.44
CA TYR D 267 -6.11 27.69 21.31
C TYR D 267 -5.05 27.99 20.27
N GLN D 268 -3.82 28.31 20.70
CA GLN D 268 -2.73 28.48 19.74
C GLN D 268 -2.45 27.20 18.99
N LEU D 269 -2.47 26.06 19.69
CA LEU D 269 -2.27 24.79 19.01
C LEU D 269 -3.36 24.53 17.99
N ALA D 270 -4.61 24.82 18.35
CA ALA D 270 -5.71 24.64 17.41
C ALA D 270 -5.54 25.54 16.19
N PHE D 271 -5.16 26.79 16.40
CA PHE D 271 -4.97 27.73 15.30
C PHE D 271 -3.87 27.24 14.37
N TRP D 272 -2.74 26.80 14.93
CA TRP D 272 -1.63 26.37 14.09
C TRP D 272 -1.93 25.05 13.39
N LYS D 273 -2.72 24.18 14.02
CA LYS D 273 -3.09 22.93 13.36
C LYS D 273 -4.10 23.18 12.24
N LYS D 274 -4.98 24.17 12.40
CA LYS D 274 -5.95 24.48 11.35
C LYS D 274 -5.29 25.19 10.18
N VAL D 275 -4.40 26.15 10.45
CA VAL D 275 -3.80 26.92 9.36
C VAL D 275 -2.91 26.04 8.51
N ALA D 276 -2.32 24.98 9.09
CA ALA D 276 -1.38 24.13 8.38
C ALA D 276 -2.04 22.93 7.70
N SER D 277 -3.37 22.82 7.75
CA SER D 277 -4.04 21.67 7.14
C SER D 277 -3.84 21.60 5.63
N PRO D 278 -4.12 22.65 4.84
CA PRO D 278 -3.87 22.52 3.39
C PRO D 278 -2.42 22.26 3.05
N PHE D 279 -1.49 22.87 3.78
CA PHE D 279 -0.07 22.59 3.55
C PHE D 279 0.25 21.14 3.85
N ALA D 280 -0.34 20.59 4.92
CA ALA D 280 -0.15 19.18 5.23
C ALA D 280 -0.68 18.30 4.10
N LEU D 281 -1.86 18.64 3.58
CA LEU D 281 -2.44 17.85 2.50
C LEU D 281 -1.54 17.87 1.27
N ILE D 282 -1.08 19.06 0.87
CA ILE D 282 -0.24 19.17 -0.31
C ILE D 282 1.08 18.46 -0.12
N THR D 283 1.69 18.59 1.06
CA THR D 283 2.96 17.91 1.32
C THR D 283 2.79 16.40 1.30
N LEU D 284 1.68 15.90 1.86
CA LEU D 284 1.43 14.46 1.84
C LEU D 284 1.24 13.96 0.41
N VAL D 285 0.52 14.74 -0.41
CA VAL D 285 0.36 14.37 -1.81
C VAL D 285 1.71 14.34 -2.52
N LEU D 286 2.56 15.34 -2.26
CA LEU D 286 3.89 15.36 -2.88
C LEU D 286 4.71 14.16 -2.44
N VAL D 287 4.61 13.78 -1.16
CA VAL D 287 5.33 12.60 -0.68
C VAL D 287 4.82 11.35 -1.40
N ALA D 288 3.51 11.26 -1.59
CA ALA D 288 2.94 10.13 -2.33
C ALA D 288 3.51 10.06 -3.75
N CYS D 289 3.55 11.20 -4.44
CA CYS D 289 4.05 11.22 -5.80
C CYS D 289 5.53 10.83 -5.84
N SER D 290 6.33 11.36 -4.90
CA SER D 290 7.74 11.02 -4.86
C SER D 290 7.95 9.54 -4.59
N PHE D 291 7.13 8.96 -3.71
CA PHE D 291 7.22 7.52 -3.45
C PHE D 291 6.88 6.73 -4.71
N ILE D 292 5.87 7.16 -5.46
CA ILE D 292 5.51 6.46 -6.69
C ILE D 292 6.67 6.51 -7.68
N PHE D 293 7.27 7.69 -7.83
CA PHE D 293 8.42 7.80 -8.74
C PHE D 293 9.67 7.16 -8.17
N GLY D 294 9.77 7.02 -6.86
CA GLY D 294 10.96 6.53 -6.21
C GLY D 294 10.84 5.08 -5.77
N PRO D 295 10.84 4.85 -4.46
CA PRO D 295 10.86 3.47 -3.95
C PRO D 295 9.74 2.60 -4.46
N LEU D 296 8.52 3.12 -4.57
CA LEU D 296 7.37 2.31 -4.92
C LEU D 296 7.20 2.13 -6.43
N ARG D 297 8.23 2.41 -7.20
CA ARG D 297 8.22 2.09 -8.62
C ARG D 297 8.37 0.59 -8.82
N GLN D 298 7.55 0.02 -9.72
CA GLN D 298 7.54 -1.41 -9.99
C GLN D 298 7.21 -2.21 -8.73
N GLN D 299 6.02 -1.92 -8.18
CA GLN D 299 5.52 -2.62 -7.01
C GLN D 299 4.04 -2.91 -7.21
N SER D 300 3.58 -3.99 -6.57
CA SER D 300 2.18 -4.36 -6.64
C SER D 300 1.30 -3.27 -6.04
N MET D 301 0.12 -3.09 -6.63
CA MET D 301 -0.80 -2.06 -6.13
C MET D 301 -1.16 -2.29 -4.67
N GLY D 302 -1.25 -3.56 -4.24
CA GLY D 302 -1.51 -3.83 -2.84
C GLY D 302 -0.42 -3.29 -1.94
N PHE D 303 0.84 -3.48 -2.33
CA PHE D 303 1.95 -2.94 -1.54
C PHE D 303 1.91 -1.42 -1.50
N ARG D 304 1.59 -0.79 -2.63
CA ARG D 304 1.47 0.66 -2.66
C ARG D 304 0.38 1.13 -1.70
N LEU D 305 -0.77 0.45 -1.70
CA LEU D 305 -1.86 0.83 -0.82
C LEU D 305 -1.46 0.65 0.65
N VAL D 306 -0.77 -0.45 0.95
CA VAL D 306 -0.34 -0.71 2.33
C VAL D 306 0.63 0.36 2.79
N ILE D 307 1.59 0.72 1.95
CA ILE D 307 2.55 1.75 2.32
C ILE D 307 1.87 3.10 2.47
N ALA D 308 0.85 3.37 1.64
CA ALA D 308 0.09 4.61 1.78
C ALA D 308 -0.64 4.65 3.12
N LEU D 309 -1.23 3.53 3.52
CA LEU D 309 -1.91 3.47 4.82
C LEU D 309 -0.92 3.68 5.95
N PHE D 310 0.27 3.07 5.86
CA PHE D 310 1.28 3.27 6.89
C PHE D 310 1.72 4.73 6.96
N ILE D 311 1.91 5.37 5.81
CA ILE D 311 2.29 6.78 5.81
C ILE D 311 1.19 7.64 6.44
N GLY D 312 -0.06 7.34 6.11
CA GLY D 312 -1.17 8.10 6.70
C GLY D 312 -1.23 7.95 8.21
N LEU D 313 -1.12 6.71 8.70
CA LEU D 313 -1.14 6.49 10.14
C LEU D 313 0.04 7.17 10.81
N GLY D 314 1.24 7.05 10.22
CA GLY D 314 2.40 7.71 10.79
C GLY D 314 2.23 9.22 10.86
N PHE D 315 1.69 9.82 9.80
CA PHE D 315 1.48 11.26 9.78
C PHE D 315 0.48 11.68 10.86
N TYR D 316 -0.64 10.96 10.98
CA TYR D 316 -1.64 11.31 11.99
C TYR D 316 -1.05 11.18 13.39
N TYR D 317 -0.35 10.08 13.66
CA TYR D 317 0.23 9.86 14.98
C TYR D 317 1.27 10.92 15.31
N LEU D 318 2.13 11.25 14.34
CA LEU D 318 3.14 12.27 14.57
C LEU D 318 2.50 13.63 14.83
N GLN D 319 1.45 13.97 14.07
CA GLN D 319 0.77 15.24 14.28
C GLN D 319 0.18 15.32 15.68
N ASP D 320 -0.52 14.26 16.11
CA ASP D 320 -1.13 14.27 17.43
C ASP D 320 -0.07 14.35 18.52
N PHE D 321 0.98 13.54 18.40
CA PHE D 321 2.01 13.51 19.42
C PHE D 321 2.71 14.84 19.54
N LEU D 322 3.02 15.49 18.41
CA LEU D 322 3.67 16.79 18.49
C LEU D 322 2.73 17.87 18.99
N GLY D 323 1.44 17.81 18.67
CA GLY D 323 0.51 18.74 19.26
C GLY D 323 0.49 18.65 20.78
N TYR D 324 0.46 17.41 21.28
CA TYR D 324 0.48 17.25 22.73
C TYR D 324 1.82 17.68 23.33
N ALA D 325 2.92 17.33 22.66
CA ALA D 325 4.23 17.74 23.17
C ALA D 325 4.35 19.26 23.18
N SER D 326 3.70 19.93 22.23
CA SER D 326 3.62 21.39 22.24
C SER D 326 2.88 21.87 23.48
N LEU D 327 1.78 21.20 23.83
CA LEU D 327 1.07 21.59 25.03
C LEU D 327 1.92 21.39 26.28
N VAL D 328 2.64 20.26 26.35
CA VAL D 328 3.45 19.95 27.53
C VAL D 328 4.67 20.86 27.62
N TYR D 329 5.31 21.14 26.49
CA TYR D 329 6.55 21.89 26.49
C TYR D 329 6.32 23.38 26.25
N ASN D 330 7.39 24.15 26.43
CA ASN D 330 7.33 25.61 26.45
C ASN D 330 7.19 26.24 25.08
N PRO D 331 8.04 25.93 24.09
CA PRO D 331 8.06 26.72 22.85
C PRO D 331 6.71 26.70 22.14
N SER D 332 6.57 27.58 21.16
CA SER D 332 5.30 27.78 20.50
C SER D 332 4.88 26.52 19.75
N PRO D 333 3.57 26.27 19.62
CA PRO D 333 3.13 25.11 18.83
C PRO D 333 3.44 25.21 17.35
N ALA D 334 3.81 26.41 16.86
CA ALA D 334 4.10 26.56 15.44
C ALA D 334 5.22 25.61 15.00
N TRP D 335 6.28 25.52 15.80
CA TRP D 335 7.37 24.59 15.47
C TRP D 335 6.86 23.15 15.44
N PHE D 336 6.18 22.73 16.50
CA PHE D 336 5.73 21.34 16.61
C PHE D 336 4.78 20.98 15.48
N VAL D 337 4.06 21.95 14.94
CA VAL D 337 3.06 21.67 13.91
C VAL D 337 3.69 21.71 12.52
N LEU D 338 4.56 22.69 12.25
CA LEU D 338 5.09 22.89 10.92
C LEU D 338 6.42 22.19 10.67
N GLY D 339 7.00 21.57 11.69
CA GLY D 339 8.22 20.81 11.49
C GLY D 339 8.03 19.59 10.62
N PRO D 340 7.04 18.75 10.93
CA PRO D 340 6.76 17.60 10.05
C PRO D 340 6.45 17.99 8.63
N ILE D 341 5.71 19.08 8.42
CA ILE D 341 5.36 19.49 7.06
C ILE D 341 6.61 19.85 6.27
N VAL D 342 7.47 20.68 6.86
CA VAL D 342 8.68 21.10 6.16
C VAL D 342 9.60 19.92 5.92
N LEU D 343 9.78 19.06 6.93
CA LEU D 343 10.66 17.91 6.80
C LEU D 343 10.16 16.95 5.72
N MET D 344 8.85 16.67 5.69
CA MET D 344 8.32 15.78 4.68
C MET D 344 8.39 16.41 3.29
N PHE D 345 8.18 17.73 3.20
CA PHE D 345 8.33 18.39 1.91
C PHE D 345 9.75 18.28 1.40
N VAL D 346 10.74 18.48 2.28
CA VAL D 346 12.13 18.37 1.86
C VAL D 346 12.45 16.93 1.47
N ALA D 347 11.96 15.95 2.23
CA ALA D 347 12.20 14.56 1.89
C ALA D 347 11.61 14.19 0.54
N GLY D 348 10.37 14.62 0.29
CA GLY D 348 9.75 14.36 -0.99
C GLY D 348 10.46 15.04 -2.14
N SER D 349 10.89 16.29 -1.93
CA SER D 349 11.63 17.01 -2.96
C SER D 349 12.94 16.30 -3.28
N TYR D 350 13.64 15.82 -2.26
CA TYR D 350 14.88 15.08 -2.50
C TYR D 350 14.61 13.78 -3.24
N LEU D 351 13.60 13.03 -2.80
CA LEU D 351 13.26 11.79 -3.50
C LEU D 351 12.88 12.05 -4.95
N LEU D 352 12.27 13.20 -5.24
CA LEU D 352 11.99 13.57 -6.62
C LEU D 352 13.26 13.97 -7.37
N TYR D 353 14.24 14.53 -6.66
CA TYR D 353 15.50 14.87 -7.31
C TYR D 353 16.26 13.63 -7.75
N ARG D 354 16.14 12.53 -7.01
CA ARG D 354 16.74 11.27 -7.42
C ARG D 354 16.07 10.67 -8.64
N ALA D 355 14.91 11.20 -9.05
CA ALA D 355 14.17 10.73 -10.22
C ALA D 355 13.70 9.29 -10.05
#